data_5RLU
#
_entry.id   5RLU
#
_cell.length_a   59.209
_cell.length_b   70.227
_cell.length_c   86.037
_cell.angle_alpha   103.130
_cell.angle_beta   96.930
_cell.angle_gamma   111.980
#
_symmetry.space_group_name_H-M   'P 1'
#
loop_
_entity.id
_entity.type
_entity.pdbx_description
1 polymer Helicase
2 non-polymer 2-(thiophen-2-yl)-1H-imidazole
3 non-polymer 'ZINC ION'
4 non-polymer 'PHOSPHATE ION'
5 water water
#
_entity_poly.entity_id   1
_entity_poly.type   'polypeptide(L)'
_entity_poly.pdbx_seq_one_letter_code
;AVGACVLCNSQTSLRCGACIRRPFLCCKCCYDHVISTSHKLVLSVNPYVCNAPGCDVTDVTQLYLGGMSYYCKSHKPPIS
FPLCANGQVFGLYKNTCVGSDNVTDFNAIATCDWTNAGDYILANTCTERLKLFAAETLKATEETFKLSYGIATVREVLSD
RELHLSWEVGKPRPPLNRNYVFTGYRVTKNSKVQIGEYTFEKGDYGDAVVYRGTTTYKLNVGDYFVLTSHTVMPLSAPTL
VPQEHYVRITGLYPTLNISDEFSSNVANYQKVGMQKYSTLQGPPGTGKSHFAIGLALYYPSARIVYTACSHAAVDALCEK
ALKYLPIDKCSRIIPARARVECFDKFKVNSTLEQYVFCTVNALPETTADIVVFDEISMATNYDLSVVNARLRAKHYVYIG
DPAQLPAPRTLLTKGTLEPEYFNSVCRLMKTIGPDMFLGTCRRCPAEIVDTVSALVYDNKLKAHKDKSAQCFKMFYKGVI
THDVSSAINRPQIGVVREFLTRNPAWRKAVFISPYNSQNAVASKILGLPTQTVDSSQGSEYDYVIFTQTTETAHSCNVNR
FNVAITRAKVGILCIMSDRDLYDKLQFTSLEIPRRNVATLQ
;
_entity_poly.pdbx_strand_id   A,B
#
# COMPACT_ATOMS: atom_id res chain seq x y z
N ALA A 1 12.28 16.10 17.65
CA ALA A 1 12.09 17.38 18.32
C ALA A 1 12.81 18.56 17.64
N VAL A 2 13.22 18.41 16.36
CA VAL A 2 13.87 19.49 15.63
C VAL A 2 12.97 20.00 14.50
N GLY A 3 12.68 21.30 14.48
CA GLY A 3 11.81 21.86 13.47
C GLY A 3 11.43 23.32 13.65
N ALA A 4 10.58 23.81 12.73
CA ALA A 4 10.13 25.21 12.62
C ALA A 4 8.65 25.48 13.00
N CYS A 5 8.41 26.73 13.44
CA CYS A 5 7.15 27.28 13.96
C CYS A 5 5.98 27.24 12.98
N VAL A 6 4.80 26.89 13.48
CA VAL A 6 3.60 26.86 12.66
C VAL A 6 3.03 28.25 12.40
N LEU A 7 3.42 29.29 13.16
CA LEU A 7 2.89 30.64 12.91
C LEU A 7 3.80 31.59 12.12
N CYS A 8 5.14 31.43 12.20
CA CYS A 8 6.05 32.30 11.44
C CYS A 8 7.32 31.57 10.96
N ASN A 9 7.41 30.25 11.15
CA ASN A 9 8.52 29.37 10.74
C ASN A 9 9.84 29.66 11.45
N SER A 10 9.85 30.54 12.49
CA SER A 10 11.06 30.85 13.26
C SER A 10 11.47 29.60 13.99
N GLN A 11 12.69 29.10 13.75
CA GLN A 11 13.16 27.87 14.38
C GLN A 11 12.99 27.84 15.92
N THR A 12 12.67 26.65 16.49
CA THR A 12 12.52 26.45 17.94
C THR A 12 12.60 25.00 18.36
N SER A 13 13.01 24.75 19.61
CA SER A 13 12.93 23.42 20.19
C SER A 13 11.51 23.28 20.83
N LEU A 14 10.80 24.44 21.14
CA LEU A 14 9.46 24.48 21.77
C LEU A 14 8.31 23.94 20.91
N ARG A 15 7.50 23.06 21.52
CA ARG A 15 6.25 22.49 21.01
C ARG A 15 5.18 22.73 22.10
N CYS A 16 3.90 22.87 21.72
CA CYS A 16 2.86 22.97 22.75
C CYS A 16 2.44 21.56 23.13
N GLY A 17 2.70 21.18 24.37
CA GLY A 17 2.35 19.86 24.87
C GLY A 17 0.87 19.65 25.14
N ALA A 18 0.08 20.74 25.16
CA ALA A 18 -1.36 20.68 25.40
C ALA A 18 -2.19 20.52 24.10
N CYS A 19 -1.62 20.93 22.96
CA CYS A 19 -2.22 20.77 21.63
C CYS A 19 -2.22 19.30 21.30
N ILE A 20 -3.35 18.79 20.70
CA ILE A 20 -3.50 17.38 20.25
C ILE A 20 -2.50 16.98 19.15
N ARG A 21 -1.85 17.96 18.54
CA ARG A 21 -0.89 17.73 17.46
C ARG A 21 0.54 18.22 17.81
N ARG A 22 0.77 18.78 19.03
CA ARG A 22 2.06 19.28 19.52
C ARG A 22 2.84 20.11 18.48
N PRO A 23 2.25 21.25 18.02
CA PRO A 23 2.92 22.05 17.00
C PRO A 23 4.14 22.79 17.53
N PHE A 24 5.10 23.03 16.64
CA PHE A 24 6.29 23.78 17.00
C PHE A 24 5.89 25.25 17.10
N LEU A 25 6.18 25.87 18.23
CA LEU A 25 5.89 27.28 18.47
C LEU A 25 7.20 28.00 18.81
N CYS A 26 7.44 29.17 18.18
CA CYS A 26 8.68 29.92 18.46
C CYS A 26 8.63 30.55 19.86
N CYS A 27 9.68 31.27 20.29
CA CYS A 27 9.68 31.87 21.61
C CYS A 27 8.57 32.92 21.79
N LYS A 28 8.31 33.78 20.77
CA LYS A 28 7.26 34.80 20.89
C LYS A 28 5.86 34.20 20.73
N CYS A 29 5.70 33.28 19.77
CA CYS A 29 4.43 32.63 19.46
C CYS A 29 3.99 31.62 20.51
N CYS A 30 4.94 30.89 21.08
CA CYS A 30 4.64 29.91 22.13
C CYS A 30 4.09 30.62 23.38
N TYR A 31 4.66 31.80 23.68
CA TYR A 31 4.28 32.66 24.79
C TYR A 31 2.87 33.17 24.54
N ASP A 32 2.64 33.80 23.36
CA ASP A 32 1.31 34.32 23.04
C ASP A 32 0.24 33.22 22.96
N HIS A 33 0.66 31.97 22.89
CA HIS A 33 -0.24 30.84 22.95
C HIS A 33 -0.54 30.45 24.42
N VAL A 34 0.49 30.32 25.27
CA VAL A 34 0.27 29.88 26.64
C VAL A 34 -0.41 30.95 27.50
N ILE A 35 -0.16 32.24 27.22
CA ILE A 35 -0.76 33.34 27.98
C ILE A 35 -2.21 33.65 27.57
N SER A 36 -2.68 33.11 26.44
CA SER A 36 -4.04 33.38 25.95
C SER A 36 -5.00 32.19 26.04
N THR A 37 -4.46 30.98 26.21
CA THR A 37 -5.27 29.76 26.29
C THR A 37 -4.97 28.97 27.56
N SER A 38 -5.80 27.94 27.87
CA SER A 38 -5.60 26.99 28.96
C SER A 38 -4.36 26.08 28.71
N HIS A 39 -3.73 26.18 27.52
CA HIS A 39 -2.58 25.39 27.15
C HIS A 39 -1.36 25.95 27.87
N LYS A 40 -0.85 25.20 28.85
CA LYS A 40 0.29 25.66 29.62
C LYS A 40 1.49 24.72 29.57
N LEU A 41 1.31 23.46 29.09
CA LEU A 41 2.41 22.52 28.99
C LEU A 41 3.28 22.84 27.77
N VAL A 42 4.57 23.12 27.97
CA VAL A 42 5.48 23.43 26.87
C VAL A 42 6.55 22.32 26.73
N LEU A 43 6.58 21.60 25.60
CA LEU A 43 7.60 20.56 25.40
C LEU A 43 8.81 21.15 24.65
N SER A 44 9.97 20.47 24.68
CA SER A 44 11.18 20.86 23.92
C SER A 44 12.13 19.63 23.86
N VAL A 45 13.36 19.72 24.37
CA VAL A 45 14.26 18.57 24.49
C VAL A 45 13.68 17.72 25.66
N ASN A 46 13.39 18.41 26.77
CA ASN A 46 12.77 17.91 28.00
C ASN A 46 11.51 18.78 28.24
N PRO A 47 10.43 18.21 28.78
CA PRO A 47 9.23 19.04 29.01
C PRO A 47 9.45 20.04 30.14
N TYR A 48 8.75 21.15 30.05
CA TYR A 48 8.83 22.16 31.08
C TYR A 48 7.93 21.75 32.22
N VAL A 49 8.54 21.12 33.20
CA VAL A 49 7.89 20.61 34.39
C VAL A 49 8.93 20.62 35.53
N CYS A 50 8.51 21.02 36.76
CA CYS A 50 9.41 21.06 37.89
C CYS A 50 10.09 19.72 38.16
N ASN A 51 11.42 19.78 38.12
CA ASN A 51 12.29 18.64 38.29
C ASN A 51 12.38 18.12 39.72
N ALA A 52 11.97 18.95 40.70
CA ALA A 52 12.01 18.58 42.10
C ALA A 52 11.14 17.36 42.34
N PRO A 53 11.63 16.39 43.12
CA PRO A 53 10.86 15.15 43.32
C PRO A 53 9.41 15.30 43.79
N GLY A 54 8.48 14.72 43.02
CA GLY A 54 7.07 14.74 43.36
C GLY A 54 6.35 16.06 43.14
N CYS A 55 7.02 17.02 42.52
CA CYS A 55 6.40 18.31 42.25
C CYS A 55 5.63 18.26 40.95
N ASP A 56 4.31 18.50 41.05
CA ASP A 56 3.40 18.47 39.90
C ASP A 56 3.12 19.89 39.31
N VAL A 57 4.15 20.77 39.24
CA VAL A 57 3.96 22.07 38.61
C VAL A 57 4.39 21.90 37.16
N THR A 58 3.42 22.05 36.20
CA THR A 58 3.65 21.91 34.74
C THR A 58 3.26 23.15 33.92
N ASP A 59 2.88 24.25 34.58
CA ASP A 59 2.50 25.48 33.90
C ASP A 59 3.79 26.26 33.67
N VAL A 60 4.08 26.62 32.41
CA VAL A 60 5.29 27.35 32.02
C VAL A 60 5.37 28.78 32.67
N THR A 61 4.21 29.37 33.04
CA THR A 61 4.19 30.69 33.70
C THR A 61 4.66 30.61 35.17
N GLN A 62 4.46 29.43 35.80
CA GLN A 62 4.87 29.13 37.16
C GLN A 62 6.19 28.36 37.16
N LEU A 63 7.03 28.49 36.11
CA LEU A 63 8.29 27.75 36.02
C LEU A 63 9.49 28.65 35.71
N TYR A 64 10.70 28.17 36.10
CA TYR A 64 11.99 28.87 36.00
C TYR A 64 13.14 27.88 35.64
N LEU A 65 14.24 28.42 35.07
CA LEU A 65 15.45 27.65 34.75
C LEU A 65 16.55 27.87 35.87
N GLY A 66 16.83 26.81 36.65
CA GLY A 66 17.84 26.79 37.70
C GLY A 66 19.02 25.96 37.26
N GLY A 67 20.07 26.64 36.84
CA GLY A 67 21.25 25.99 36.31
C GLY A 67 21.00 25.37 34.94
N MET A 68 20.67 24.08 34.94
CA MET A 68 20.35 23.38 33.69
C MET A 68 18.96 22.70 33.72
N SER A 69 18.30 22.68 34.90
CA SER A 69 16.99 22.07 35.13
C SER A 69 15.87 23.12 35.30
N TYR A 70 14.60 22.66 35.35
CA TYR A 70 13.44 23.54 35.47
C TYR A 70 12.75 23.27 36.77
N TYR A 71 12.32 24.35 37.46
CA TYR A 71 11.66 24.30 38.77
C TYR A 71 10.60 25.37 38.92
N CYS A 72 9.61 25.14 39.79
CA CYS A 72 8.57 26.14 40.04
C CYS A 72 9.07 27.24 41.03
N LYS A 73 8.17 28.14 41.49
CA LYS A 73 8.58 29.18 42.45
C LYS A 73 8.89 28.59 43.83
N SER A 74 8.29 27.40 44.17
CA SER A 74 8.51 26.67 45.44
C SER A 74 9.81 25.83 45.45
N HIS A 75 10.40 25.58 44.26
CA HIS A 75 11.58 24.75 44.18
C HIS A 75 12.79 25.41 43.57
N LYS A 76 12.66 26.56 42.88
CA LYS A 76 13.76 27.24 42.17
C LYS A 76 14.95 27.71 43.02
N PRO A 77 16.17 27.72 42.45
CA PRO A 77 17.31 28.27 43.17
C PRO A 77 17.35 29.82 43.09
N PRO A 78 18.17 30.50 43.92
CA PRO A 78 18.24 31.97 43.85
C PRO A 78 18.59 32.53 42.47
N ILE A 79 19.48 31.83 41.73
CA ILE A 79 19.84 32.22 40.36
C ILE A 79 19.01 31.42 39.35
N SER A 80 17.79 31.92 39.09
CA SER A 80 16.83 31.38 38.15
C SER A 80 15.98 32.46 37.49
N PHE A 81 15.83 32.30 36.18
CA PHE A 81 15.06 33.15 35.27
C PHE A 81 13.69 32.54 35.07
N PRO A 82 12.57 33.31 35.06
CA PRO A 82 11.29 32.69 34.71
C PRO A 82 11.25 32.31 33.23
N LEU A 83 10.62 31.18 32.90
CA LEU A 83 10.51 30.75 31.51
C LEU A 83 9.64 31.75 30.73
N CYS A 84 8.60 32.32 31.37
CA CYS A 84 7.75 33.34 30.75
C CYS A 84 8.10 34.73 31.22
N ALA A 85 8.68 35.54 30.32
CA ALA A 85 9.08 36.92 30.58
C ALA A 85 9.43 37.59 29.28
N ASN A 86 9.11 38.88 29.14
CA ASN A 86 9.41 39.69 27.95
C ASN A 86 8.83 39.13 26.61
N GLY A 87 7.59 38.65 26.67
CA GLY A 87 6.87 38.13 25.51
C GLY A 87 7.44 36.86 24.88
N GLN A 88 8.30 36.17 25.64
CA GLN A 88 8.92 34.95 25.14
C GLN A 88 8.85 33.81 26.14
N VAL A 89 8.82 32.59 25.61
CA VAL A 89 8.93 31.37 26.39
C VAL A 89 10.37 30.93 26.11
N PHE A 90 11.17 30.74 27.18
CA PHE A 90 12.58 30.37 27.03
C PHE A 90 12.80 29.12 26.14
N GLY A 91 13.54 29.29 25.08
CA GLY A 91 13.84 28.20 24.16
C GLY A 91 15.00 28.49 23.24
N LEU A 92 15.34 27.52 22.38
CA LEU A 92 16.44 27.66 21.43
C LEU A 92 16.12 28.68 20.32
N TYR A 93 17.17 29.24 19.68
CA TYR A 93 17.12 30.19 18.56
C TYR A 93 16.22 31.41 18.82
N LYS A 94 16.26 31.95 20.05
CA LYS A 94 15.47 33.11 20.48
C LYS A 94 15.81 34.40 19.72
N VAL A 103 -2.45 34.75 15.22
CA VAL A 103 -2.07 34.34 16.59
C VAL A 103 -3.33 34.00 17.36
N THR A 104 -4.29 34.91 17.36
CA THR A 104 -5.63 34.74 17.89
C THR A 104 -6.30 33.54 17.17
N ASP A 105 -6.13 33.47 15.84
CA ASP A 105 -6.68 32.39 15.02
C ASP A 105 -6.09 31.01 15.36
N PHE A 106 -4.79 30.94 15.62
CA PHE A 106 -4.14 29.69 16.02
C PHE A 106 -4.73 29.18 17.33
N ASN A 107 -4.94 30.11 18.29
CA ASN A 107 -5.49 29.81 19.61
C ASN A 107 -6.83 29.12 19.52
N ALA A 108 -7.72 29.65 18.66
CA ALA A 108 -9.04 29.13 18.49
C ALA A 108 -9.08 27.73 17.82
N ILE A 109 -8.13 27.44 16.91
CA ILE A 109 -8.04 26.11 16.27
C ILE A 109 -7.50 25.08 17.27
N ALA A 110 -6.47 25.49 18.05
CA ALA A 110 -5.83 24.61 19.02
C ALA A 110 -6.72 24.18 20.17
N THR A 111 -7.78 24.97 20.49
CA THR A 111 -8.66 24.72 21.63
C THR A 111 -10.15 24.38 21.34
N CYS A 112 -10.59 24.54 20.08
CA CYS A 112 -11.98 24.25 19.76
C CYS A 112 -12.30 22.74 19.74
N ASP A 113 -13.56 22.38 19.98
CA ASP A 113 -13.99 20.99 19.99
C ASP A 113 -14.56 20.48 18.63
N TRP A 114 -14.64 21.36 17.61
CA TRP A 114 -15.10 21.08 16.24
C TRP A 114 -16.57 20.77 16.13
N THR A 115 -17.37 21.09 17.15
CA THR A 115 -18.81 20.85 17.10
C THR A 115 -19.59 22.05 16.54
N ASN A 116 -18.94 23.21 16.39
CA ASN A 116 -19.48 24.48 15.91
C ASN A 116 -19.09 24.75 14.44
N ALA A 117 -19.96 25.43 13.68
CA ALA A 117 -19.66 25.76 12.29
C ALA A 117 -18.53 26.79 12.20
N GLY A 118 -18.46 27.72 13.16
CA GLY A 118 -17.44 28.76 13.23
C GLY A 118 -16.03 28.21 13.31
N ASP A 119 -15.90 26.95 13.79
CA ASP A 119 -14.64 26.23 13.91
C ASP A 119 -14.08 25.86 12.53
N TYR A 120 -14.99 25.53 11.58
CA TYR A 120 -14.67 25.16 10.21
C TYR A 120 -14.47 26.38 9.32
N ILE A 121 -15.23 27.47 9.61
CA ILE A 121 -15.10 28.77 8.95
C ILE A 121 -13.67 29.26 9.15
N LEU A 122 -13.22 29.25 10.42
CA LEU A 122 -11.86 29.65 10.75
C LEU A 122 -10.79 28.74 10.11
N ALA A 123 -11.01 27.40 10.11
CA ALA A 123 -10.08 26.43 9.48
C ALA A 123 -9.87 26.68 7.96
N ASN A 124 -10.68 27.58 7.38
CA ASN A 124 -10.61 27.94 5.98
C ASN A 124 -10.23 29.40 5.74
N THR A 125 -10.43 30.29 6.73
CA THR A 125 -10.04 31.69 6.57
C THR A 125 -8.59 31.99 6.96
N CYS A 126 -7.96 31.08 7.71
CA CYS A 126 -6.61 31.23 8.21
C CYS A 126 -5.51 31.12 7.12
N THR A 127 -4.25 31.40 7.48
CA THR A 127 -3.13 31.25 6.57
C THR A 127 -2.98 29.77 6.16
N GLU A 128 -2.21 29.50 5.11
CA GLU A 128 -2.04 28.13 4.62
C GLU A 128 -1.49 27.14 5.66
N ARG A 129 -0.50 27.57 6.49
CA ARG A 129 0.01 26.68 7.52
C ARG A 129 -1.09 26.45 8.56
N LEU A 130 -1.85 27.51 8.93
CA LEU A 130 -2.95 27.33 9.89
C LEU A 130 -4.07 26.42 9.33
N LYS A 131 -4.22 26.36 7.98
CA LYS A 131 -5.16 25.48 7.32
C LYS A 131 -4.72 24.03 7.53
N LEU A 132 -3.41 23.73 7.44
CA LEU A 132 -2.93 22.36 7.67
C LEU A 132 -2.99 21.98 9.12
N PHE A 133 -2.70 22.94 10.02
CA PHE A 133 -2.76 22.69 11.46
C PHE A 133 -4.21 22.36 11.84
N ALA A 134 -5.17 23.17 11.36
CA ALA A 134 -6.58 22.93 11.58
C ALA A 134 -7.05 21.60 10.96
N ALA A 135 -6.58 21.25 9.75
CA ALA A 135 -6.99 20.00 9.08
C ALA A 135 -6.52 18.75 9.84
N GLU A 136 -5.30 18.84 10.37
CA GLU A 136 -4.63 17.79 11.13
C GLU A 136 -5.30 17.59 12.50
N THR A 137 -5.54 18.71 13.23
CA THR A 137 -6.19 18.78 14.56
C THR A 137 -7.63 18.23 14.47
N LEU A 138 -8.40 18.71 13.45
CA LEU A 138 -9.76 18.25 13.19
C LEU A 138 -9.81 16.74 12.95
N LYS A 139 -8.98 16.21 12.03
CA LYS A 139 -8.97 14.77 11.77
C LYS A 139 -8.54 13.96 13.00
N ALA A 140 -7.56 14.48 13.80
CA ALA A 140 -7.14 13.79 15.03
C ALA A 140 -8.32 13.70 16.00
N THR A 141 -9.08 14.81 16.15
CA THR A 141 -10.24 14.89 17.03
C THR A 141 -11.34 13.93 16.61
N GLU A 142 -11.65 13.89 15.28
CA GLU A 142 -12.67 13.01 14.70
C GLU A 142 -12.32 11.55 14.97
N GLU A 143 -11.02 11.20 14.90
CA GLU A 143 -10.58 9.82 15.16
C GLU A 143 -10.59 9.45 16.65
N THR A 144 -10.14 10.36 17.55
CA THR A 144 -10.20 10.11 19.00
C THR A 144 -11.69 10.02 19.48
N PHE A 145 -12.61 10.72 18.77
CA PHE A 145 -14.04 10.65 19.08
C PHE A 145 -14.68 9.30 18.68
N LYS A 146 -14.04 8.57 17.75
CA LYS A 146 -14.52 7.24 17.31
C LYS A 146 -14.41 6.22 18.45
N LEU A 147 -13.39 6.36 19.29
CA LEU A 147 -13.18 5.46 20.43
C LEU A 147 -14.25 5.65 21.48
N SER A 148 -14.78 6.90 21.63
CA SER A 148 -15.82 7.27 22.60
C SER A 148 -17.10 6.40 22.50
N TYR A 149 -17.31 5.74 21.35
CA TYR A 149 -18.44 4.84 21.13
C TYR A 149 -18.11 3.43 21.65
N GLY A 150 -19.14 2.69 22.06
CA GLY A 150 -18.98 1.35 22.61
C GLY A 150 -18.80 0.24 21.61
N ILE A 151 -18.31 -0.94 22.08
CA ILE A 151 -18.07 -2.12 21.23
C ILE A 151 -19.32 -3.02 21.13
N ALA A 152 -19.80 -3.28 19.90
CA ALA A 152 -20.99 -4.10 19.62
C ALA A 152 -20.66 -5.51 19.13
N THR A 153 -21.22 -6.52 19.78
CA THR A 153 -21.01 -7.94 19.53
C THR A 153 -22.27 -8.60 18.93
N VAL A 154 -22.14 -9.77 18.29
CA VAL A 154 -23.30 -10.48 17.73
C VAL A 154 -24.08 -11.26 18.80
N ARG A 155 -25.42 -11.05 18.85
CA ARG A 155 -26.32 -11.71 19.80
C ARG A 155 -27.07 -12.89 19.16
N GLU A 156 -27.39 -12.80 17.84
CA GLU A 156 -28.08 -13.86 17.06
C GLU A 156 -28.15 -13.54 15.53
N VAL A 157 -28.51 -14.54 14.69
CA VAL A 157 -28.63 -14.39 13.23
C VAL A 157 -30.06 -14.78 12.79
N LEU A 158 -30.88 -13.81 12.32
CA LEU A 158 -32.26 -14.12 11.87
C LEU A 158 -32.24 -14.76 10.47
N SER A 159 -31.54 -14.12 9.54
CA SER A 159 -31.45 -14.56 8.15
C SER A 159 -30.10 -14.10 7.51
N ASP A 160 -29.98 -14.14 6.17
CA ASP A 160 -28.77 -13.72 5.49
C ASP A 160 -28.61 -12.18 5.38
N ARG A 161 -29.63 -11.40 5.78
CA ARG A 161 -29.54 -9.93 5.78
C ARG A 161 -30.14 -9.28 7.02
N GLU A 162 -30.52 -10.06 8.06
CA GLU A 162 -31.08 -9.50 9.29
C GLU A 162 -30.49 -10.14 10.56
N LEU A 163 -30.13 -9.31 11.56
CA LEU A 163 -29.55 -9.79 12.83
C LEU A 163 -29.90 -8.88 14.05
N HIS A 164 -29.28 -9.11 15.24
CA HIS A 164 -29.45 -8.37 16.49
C HIS A 164 -28.07 -8.34 17.25
N LEU A 165 -27.67 -7.18 17.82
CA LEU A 165 -26.37 -6.97 18.49
C LEU A 165 -26.45 -6.55 19.97
N SER A 166 -25.42 -6.97 20.75
CA SER A 166 -25.21 -6.65 22.15
C SER A 166 -24.27 -5.44 22.19
N TRP A 167 -24.65 -4.39 22.91
CA TRP A 167 -23.84 -3.18 23.00
C TRP A 167 -23.15 -3.08 24.35
N GLU A 168 -22.00 -2.38 24.43
CA GLU A 168 -21.36 -2.16 25.74
C GLU A 168 -22.18 -1.00 26.38
N VAL A 169 -22.95 -1.25 27.49
CA VAL A 169 -23.80 -0.22 28.12
C VAL A 169 -22.95 0.88 28.74
N GLY A 170 -23.45 2.09 28.71
CA GLY A 170 -22.73 3.24 29.24
C GLY A 170 -22.22 4.11 28.12
N LYS A 171 -21.11 3.69 27.45
CA LYS A 171 -20.47 4.40 26.31
C LYS A 171 -21.52 4.57 25.19
N PRO A 172 -21.63 5.78 24.60
CA PRO A 172 -22.72 6.02 23.64
C PRO A 172 -22.81 5.05 22.46
N ARG A 173 -24.01 4.99 21.85
CA ARG A 173 -24.26 4.15 20.68
C ARG A 173 -24.21 5.03 19.41
N PRO A 174 -23.31 4.71 18.47
CA PRO A 174 -23.21 5.52 17.25
C PRO A 174 -24.41 5.36 16.31
N PRO A 175 -24.70 6.40 15.49
CA PRO A 175 -25.88 6.36 14.60
C PRO A 175 -25.98 5.22 13.56
N LEU A 176 -27.17 4.61 13.45
CA LEU A 176 -27.44 3.51 12.51
C LEU A 176 -27.95 3.96 11.15
N ASN A 177 -27.04 4.00 10.17
CA ASN A 177 -27.30 4.36 8.76
C ASN A 177 -26.11 3.98 7.84
N ARG A 178 -26.12 4.37 6.54
CA ARG A 178 -25.02 4.04 5.63
C ARG A 178 -23.91 5.11 5.65
N ASN A 179 -23.72 5.78 6.82
CA ASN A 179 -22.71 6.83 7.05
C ASN A 179 -21.59 6.39 8.03
N TYR A 180 -21.79 5.27 8.76
CA TYR A 180 -20.89 4.75 9.78
C TYR A 180 -20.39 3.35 9.40
N VAL A 181 -19.13 3.24 8.95
CA VAL A 181 -18.59 1.95 8.52
C VAL A 181 -17.68 1.31 9.59
N PHE A 182 -18.20 0.25 10.20
CA PHE A 182 -17.52 -0.54 11.22
C PHE A 182 -16.49 -1.47 10.63
N THR A 183 -15.54 -1.94 11.44
CA THR A 183 -14.55 -2.93 11.04
C THR A 183 -14.79 -4.12 11.95
N GLY A 184 -15.34 -5.18 11.37
CA GLY A 184 -15.67 -6.38 12.11
C GLY A 184 -14.44 -7.17 12.48
N TYR A 185 -14.62 -8.05 13.48
CA TYR A 185 -13.63 -8.94 14.09
C TYR A 185 -14.28 -10.29 14.50
N GLN A 194 -11.37 -10.27 12.15
CA GLN A 194 -10.99 -9.36 11.07
C GLN A 194 -11.94 -9.54 9.85
N ILE A 195 -13.24 -9.85 10.13
CA ILE A 195 -14.34 -10.18 9.18
C ILE A 195 -14.87 -9.01 8.29
N GLY A 196 -13.97 -8.19 7.75
CA GLY A 196 -14.29 -7.10 6.84
C GLY A 196 -15.18 -5.98 7.36
N GLU A 197 -15.20 -4.87 6.62
CA GLU A 197 -16.01 -3.71 7.00
C GLU A 197 -17.51 -4.03 7.00
N TYR A 198 -18.27 -3.36 7.85
CA TYR A 198 -19.70 -3.61 7.99
C TYR A 198 -20.48 -2.31 8.15
N THR A 199 -21.73 -2.30 7.66
CA THR A 199 -22.63 -1.14 7.77
C THR A 199 -23.99 -1.56 8.36
N PHE A 200 -24.75 -0.62 8.97
CA PHE A 200 -26.04 -0.96 9.60
C PHE A 200 -27.25 -0.04 9.29
N GLU A 201 -28.41 -0.65 9.03
CA GLU A 201 -29.67 0.06 8.77
C GLU A 201 -30.84 -0.66 9.49
N LYS A 202 -31.53 0.03 10.43
CA LYS A 202 -32.64 -0.48 11.25
C LYS A 202 -33.72 -1.25 10.49
N ASP A 207 -37.32 -4.39 16.14
CA ASP A 207 -36.00 -4.68 16.69
C ASP A 207 -35.02 -5.26 15.66
N ALA A 208 -35.54 -5.84 14.54
CA ALA A 208 -34.75 -6.49 13.49
C ALA A 208 -33.95 -5.54 12.58
N VAL A 209 -32.68 -5.27 12.93
CA VAL A 209 -31.74 -4.43 12.18
C VAL A 209 -31.12 -5.24 11.00
N VAL A 210 -30.61 -4.55 9.99
CA VAL A 210 -30.04 -5.20 8.82
C VAL A 210 -28.49 -5.06 8.76
N TYR A 211 -27.75 -6.17 8.56
CA TYR A 211 -26.29 -6.15 8.49
C TYR A 211 -25.75 -6.09 7.05
N ARG A 212 -25.00 -5.02 6.71
CA ARG A 212 -24.49 -4.89 5.35
C ARG A 212 -22.99 -5.14 5.34
N GLY A 213 -22.62 -6.39 5.53
CA GLY A 213 -21.23 -6.80 5.55
C GLY A 213 -20.54 -6.81 4.22
N THR A 214 -19.49 -5.98 4.08
CA THR A 214 -18.70 -5.87 2.84
C THR A 214 -18.04 -7.22 2.45
N THR A 215 -17.96 -8.19 3.39
CA THR A 215 -17.47 -9.55 3.16
C THR A 215 -18.55 -10.52 3.64
N THR A 216 -18.71 -11.64 2.93
CA THR A 216 -19.72 -12.63 3.25
C THR A 216 -19.23 -13.69 4.21
N TYR A 217 -19.55 -13.49 5.46
CA TYR A 217 -19.23 -14.44 6.50
C TYR A 217 -20.44 -14.54 7.39
N LYS A 218 -20.70 -15.73 7.91
CA LYS A 218 -21.79 -15.94 8.84
C LYS A 218 -21.36 -15.27 10.14
N LEU A 219 -21.95 -14.09 10.45
CA LEU A 219 -21.62 -13.30 11.64
C LEU A 219 -21.95 -14.11 12.88
N ASN A 220 -20.98 -14.93 13.31
CA ASN A 220 -21.12 -15.83 14.45
C ASN A 220 -21.45 -15.08 15.71
N VAL A 221 -22.28 -15.71 16.56
CA VAL A 221 -22.68 -15.12 17.84
C VAL A 221 -21.43 -15.00 18.73
N GLY A 222 -20.85 -13.80 18.79
CA GLY A 222 -19.64 -13.57 19.56
C GLY A 222 -18.63 -12.67 18.88
N ASP A 223 -18.68 -12.57 17.55
CA ASP A 223 -17.80 -11.68 16.81
C ASP A 223 -18.25 -10.23 17.08
N TYR A 224 -17.30 -9.27 17.12
CA TYR A 224 -17.68 -7.86 17.38
C TYR A 224 -17.08 -6.88 16.33
N PHE A 225 -17.62 -5.65 16.25
CA PHE A 225 -17.16 -4.61 15.32
C PHE A 225 -16.66 -3.36 16.08
N VAL A 226 -15.97 -2.41 15.38
CA VAL A 226 -15.43 -1.15 15.91
C VAL A 226 -15.21 -0.11 14.76
N LEU A 227 -15.55 1.19 14.96
CA LEU A 227 -15.34 2.25 13.96
C LEU A 227 -13.87 2.44 13.72
N THR A 228 -13.41 2.12 12.51
CA THR A 228 -12.00 2.17 12.13
C THR A 228 -11.38 3.52 12.36
N SER A 229 -10.66 3.64 13.48
CA SER A 229 -9.98 4.87 13.83
C SER A 229 -8.61 4.88 13.18
N HIS A 230 -8.57 4.92 11.83
CA HIS A 230 -7.30 4.98 11.09
C HIS A 230 -6.57 6.27 11.50
N THR A 231 -5.36 6.10 11.98
CA THR A 231 -4.52 7.15 12.54
C THR A 231 -4.35 8.35 11.59
N VAL A 232 -4.06 9.50 12.18
CA VAL A 232 -3.87 10.76 11.46
C VAL A 232 -2.41 10.99 11.22
N MET A 233 -2.05 11.20 9.96
CA MET A 233 -0.67 11.43 9.59
C MET A 233 -0.46 12.89 9.39
N PRO A 234 0.59 13.48 9.98
CA PRO A 234 0.85 14.92 9.77
C PRO A 234 0.80 15.40 8.33
N LEU A 235 0.43 16.67 8.15
CA LEU A 235 0.29 17.24 6.82
C LEU A 235 1.54 18.01 6.45
N SER A 236 2.12 17.67 5.29
CA SER A 236 3.32 18.31 4.77
C SER A 236 2.99 19.37 3.71
N ALA A 237 2.34 18.94 2.61
CA ALA A 237 1.99 19.79 1.46
C ALA A 237 0.80 20.74 1.71
N PRO A 238 0.75 21.91 1.02
CA PRO A 238 -0.41 22.82 1.19
C PRO A 238 -1.72 22.25 0.60
N THR A 239 -2.88 22.84 0.94
CA THR A 239 -4.16 22.36 0.39
C THR A 239 -4.20 22.64 -1.12
N LEU A 240 -3.71 23.84 -1.49
CA LEU A 240 -3.55 24.35 -2.84
C LEU A 240 -2.08 24.75 -3.03
N VAL A 241 -1.39 24.19 -4.06
CA VAL A 241 0.00 24.62 -4.36
C VAL A 241 -0.01 26.13 -4.75
N PRO A 242 1.14 26.82 -4.75
CA PRO A 242 1.10 28.25 -5.15
C PRO A 242 0.69 28.39 -6.62
N GLN A 243 -0.20 29.36 -6.92
CA GLN A 243 -0.69 29.53 -8.29
C GLN A 243 0.39 30.05 -9.21
N GLU A 244 0.41 29.57 -10.46
CA GLU A 244 1.34 30.05 -11.46
C GLU A 244 0.60 30.23 -12.74
N HIS A 245 0.66 31.43 -13.29
CA HIS A 245 0.05 31.69 -14.57
C HIS A 245 1.16 31.70 -15.58
N TYR A 246 0.99 30.93 -16.64
CA TYR A 246 1.97 30.83 -17.71
C TYR A 246 1.42 31.60 -18.95
N VAL A 247 2.31 32.00 -19.88
CA VAL A 247 1.87 32.71 -21.10
C VAL A 247 1.81 31.76 -22.35
N ARG A 248 2.03 30.45 -22.13
CA ARG A 248 2.00 29.39 -23.13
C ARG A 248 1.86 28.05 -22.41
N ILE A 249 1.21 27.07 -23.07
CA ILE A 249 1.00 25.72 -22.51
C ILE A 249 2.34 25.10 -22.08
N THR A 250 2.41 24.60 -20.84
CA THR A 250 3.65 24.09 -20.26
C THR A 250 3.70 22.56 -20.06
N GLY A 251 4.69 21.89 -20.68
CA GLY A 251 4.94 20.46 -20.51
C GLY A 251 3.88 19.48 -20.98
N LEU A 252 2.89 20.01 -21.68
CA LEU A 252 1.77 19.26 -22.26
C LEU A 252 1.81 19.49 -23.77
N TYR A 253 1.46 18.46 -24.55
CA TYR A 253 1.51 18.58 -26.01
C TYR A 253 0.12 18.35 -26.64
N PRO A 254 -0.55 19.48 -27.04
CA PRO A 254 -1.92 19.37 -27.57
C PRO A 254 -2.05 18.70 -28.95
N THR A 255 -3.30 18.54 -29.42
CA THR A 255 -3.59 18.03 -30.77
C THR A 255 -4.34 19.12 -31.55
N LEU A 256 -4.25 19.06 -32.87
CA LEU A 256 -5.07 19.91 -33.73
C LEU A 256 -6.14 19.08 -34.51
N ASN A 257 -6.33 17.80 -34.07
CA ASN A 257 -7.25 16.81 -34.60
C ASN A 257 -8.42 16.56 -33.66
N ILE A 258 -8.35 16.99 -32.35
CA ILE A 258 -9.36 16.78 -31.30
C ILE A 258 -10.79 16.77 -31.83
N SER A 259 -11.50 15.62 -31.63
CA SER A 259 -12.85 15.42 -32.16
C SER A 259 -13.82 16.51 -31.74
N ASP A 260 -14.75 16.85 -32.66
CA ASP A 260 -15.80 17.84 -32.49
C ASP A 260 -16.49 17.71 -31.11
N GLU A 261 -16.72 16.44 -30.69
CA GLU A 261 -17.31 15.98 -29.41
C GLU A 261 -16.76 16.74 -28.19
N PHE A 262 -15.42 17.03 -28.19
CA PHE A 262 -14.65 17.72 -27.13
C PHE A 262 -14.16 19.10 -27.55
N SER A 263 -14.70 19.66 -28.64
CA SER A 263 -14.28 20.97 -29.12
C SER A 263 -14.84 22.12 -28.30
N SER A 264 -15.94 21.91 -27.57
CA SER A 264 -16.49 22.96 -26.69
C SER A 264 -15.59 23.24 -25.48
N ASN A 265 -14.70 22.28 -25.15
CA ASN A 265 -13.77 22.44 -24.05
C ASN A 265 -12.34 22.78 -24.49
N VAL A 266 -12.05 22.97 -25.80
CA VAL A 266 -10.69 23.29 -26.24
C VAL A 266 -10.12 24.58 -25.59
N ALA A 267 -10.94 25.67 -25.50
CA ALA A 267 -10.46 26.91 -24.88
C ALA A 267 -10.17 26.73 -23.37
N ASN A 268 -10.86 25.78 -22.71
CA ASN A 268 -10.67 25.44 -21.30
C ASN A 268 -9.47 24.49 -21.10
N TYR A 269 -9.26 23.51 -22.00
CA TYR A 269 -8.09 22.62 -21.94
C TYR A 269 -6.80 23.43 -22.10
N GLN A 270 -6.84 24.54 -22.85
CA GLN A 270 -5.69 25.43 -23.04
C GLN A 270 -5.42 26.23 -21.79
N LYS A 271 -6.49 26.73 -21.12
CA LYS A 271 -6.42 27.40 -19.82
C LYS A 271 -5.79 26.43 -18.79
N VAL A 272 -6.10 25.11 -18.90
CA VAL A 272 -5.56 24.01 -18.06
C VAL A 272 -4.02 23.93 -18.20
N GLY A 273 -3.50 24.04 -19.42
CA GLY A 273 -2.05 24.03 -19.67
C GLY A 273 -1.36 25.35 -19.41
N MET A 274 -2.13 26.40 -19.07
CA MET A 274 -1.56 27.72 -18.83
C MET A 274 -1.70 28.25 -17.40
N GLN A 275 -1.94 27.35 -16.45
CA GLN A 275 -2.08 27.64 -15.02
C GLN A 275 -1.54 26.42 -14.26
N LYS A 276 -0.91 26.61 -13.07
CA LYS A 276 -0.44 25.48 -12.26
C LYS A 276 -1.68 24.67 -11.84
N TYR A 277 -2.70 25.37 -11.28
CA TYR A 277 -3.97 24.74 -10.97
C TYR A 277 -5.13 25.54 -11.58
N SER A 278 -6.25 24.84 -11.84
CA SER A 278 -7.48 25.45 -12.39
C SER A 278 -8.73 24.87 -11.74
N THR A 279 -9.77 25.73 -11.57
CA THR A 279 -11.04 25.29 -10.96
C THR A 279 -12.16 25.20 -12.02
N LEU A 280 -12.94 24.14 -11.93
CA LEU A 280 -14.06 23.94 -12.82
C LEU A 280 -15.38 23.72 -12.03
N GLN A 281 -16.33 24.68 -12.14
CA GLN A 281 -17.65 24.50 -11.54
C GLN A 281 -18.54 23.84 -12.58
N GLY A 282 -19.01 22.65 -12.26
CA GLY A 282 -19.88 21.90 -13.14
C GLY A 282 -21.18 21.53 -12.48
N PRO A 283 -22.26 22.35 -12.67
CA PRO A 283 -23.59 21.96 -12.16
C PRO A 283 -23.99 20.56 -12.61
N PRO A 284 -25.04 19.93 -12.03
CA PRO A 284 -25.39 18.56 -12.45
C PRO A 284 -25.55 18.40 -13.97
N GLY A 285 -24.96 17.35 -14.52
CA GLY A 285 -25.11 17.01 -15.94
C GLY A 285 -24.61 18.03 -16.93
N THR A 286 -23.65 18.87 -16.54
CA THR A 286 -23.10 19.86 -17.48
C THR A 286 -21.85 19.34 -18.25
N GLY A 287 -21.48 18.08 -18.03
CA GLY A 287 -20.38 17.42 -18.71
C GLY A 287 -19.05 17.51 -18.01
N LYS A 288 -18.98 17.21 -16.70
CA LYS A 288 -17.74 17.24 -15.94
C LYS A 288 -16.86 16.06 -16.33
N SER A 289 -17.44 14.84 -16.38
CA SER A 289 -16.75 13.60 -16.75
C SER A 289 -16.23 13.74 -18.17
N HIS A 290 -17.06 14.31 -19.06
CA HIS A 290 -16.71 14.54 -20.45
C HIS A 290 -15.49 15.46 -20.53
N PHE A 291 -15.50 16.53 -19.74
CA PHE A 291 -14.38 17.45 -19.67
C PHE A 291 -13.12 16.74 -19.17
N ALA A 292 -13.21 15.99 -18.08
CA ALA A 292 -12.06 15.28 -17.54
C ALA A 292 -11.45 14.27 -18.54
N ILE A 293 -12.28 13.40 -19.16
CA ILE A 293 -11.74 12.41 -20.10
C ILE A 293 -11.26 13.07 -21.39
N GLY A 294 -11.96 14.09 -21.83
CA GLY A 294 -11.61 14.85 -23.03
C GLY A 294 -10.33 15.64 -22.94
N LEU A 295 -9.91 15.95 -21.74
CA LEU A 295 -8.65 16.63 -21.47
C LEU A 295 -7.48 15.70 -21.85
N ALA A 296 -7.64 14.36 -21.65
CA ALA A 296 -6.68 13.32 -22.03
C ALA A 296 -6.58 13.18 -23.53
N LEU A 297 -7.70 13.34 -24.24
CA LEU A 297 -7.69 13.29 -25.70
C LEU A 297 -7.06 14.58 -26.27
N TYR A 298 -7.15 15.72 -25.54
CA TYR A 298 -6.54 16.97 -25.98
C TYR A 298 -5.04 16.98 -25.80
N TYR A 299 -4.52 16.40 -24.71
CA TYR A 299 -3.07 16.23 -24.48
C TYR A 299 -2.88 14.72 -24.44
N PRO A 300 -2.72 14.08 -25.64
CA PRO A 300 -2.72 12.61 -25.69
C PRO A 300 -1.48 11.90 -25.16
N SER A 301 -0.37 12.64 -25.04
CA SER A 301 0.90 12.13 -24.52
C SER A 301 1.01 12.30 -22.98
N ALA A 302 0.16 13.18 -22.38
CA ALA A 302 0.15 13.45 -20.95
C ALA A 302 -0.23 12.25 -20.09
N ARG A 303 0.52 12.01 -19.01
CA ARG A 303 0.19 10.98 -18.06
C ARG A 303 -0.77 11.64 -17.07
N ILE A 304 -1.99 11.09 -16.93
CA ILE A 304 -2.99 11.70 -16.08
C ILE A 304 -3.49 10.80 -14.96
N VAL A 305 -3.48 11.34 -13.74
CA VAL A 305 -4.03 10.63 -12.60
C VAL A 305 -5.38 11.23 -12.23
N TYR A 306 -6.42 10.40 -12.28
CA TYR A 306 -7.80 10.74 -11.98
C TYR A 306 -8.08 10.30 -10.57
N THR A 307 -8.32 11.29 -9.70
CA THR A 307 -8.56 11.05 -8.29
C THR A 307 -9.84 11.74 -7.79
N ALA A 308 -10.41 11.19 -6.73
CA ALA A 308 -11.62 11.64 -6.03
C ALA A 308 -11.65 10.96 -4.65
N CYS A 309 -12.47 11.45 -3.72
CA CYS A 309 -12.54 10.87 -2.39
C CYS A 309 -13.20 9.51 -2.35
N SER A 310 -14.30 9.34 -3.11
CA SER A 310 -15.04 8.07 -3.12
C SER A 310 -14.66 7.09 -4.23
N HIS A 311 -14.90 5.80 -3.99
CA HIS A 311 -14.69 4.80 -5.00
C HIS A 311 -15.71 5.00 -6.13
N ALA A 312 -16.97 5.39 -5.80
CA ALA A 312 -18.03 5.67 -6.77
C ALA A 312 -17.67 6.81 -7.77
N ALA A 313 -17.00 7.87 -7.30
CA ALA A 313 -16.59 8.96 -8.17
C ALA A 313 -15.46 8.53 -9.07
N VAL A 314 -14.52 7.73 -8.54
CA VAL A 314 -13.37 7.23 -9.30
C VAL A 314 -13.88 6.29 -10.42
N ASP A 315 -14.84 5.41 -10.07
CA ASP A 315 -15.53 4.45 -10.96
C ASP A 315 -16.31 5.16 -12.07
N ALA A 316 -16.95 6.30 -11.75
CA ALA A 316 -17.68 7.08 -12.74
C ALA A 316 -16.71 7.70 -13.78
N LEU A 317 -15.45 8.03 -13.35
CA LEU A 317 -14.42 8.51 -14.27
C LEU A 317 -13.85 7.33 -15.11
N CYS A 318 -13.81 6.11 -14.51
CA CYS A 318 -13.42 4.81 -15.09
C CYS A 318 -14.37 4.49 -16.28
N GLU A 319 -15.67 4.72 -16.06
CA GLU A 319 -16.72 4.47 -17.03
C GLU A 319 -16.65 5.38 -18.23
N LYS A 320 -16.35 6.67 -18.02
CA LYS A 320 -16.23 7.61 -19.13
C LYS A 320 -14.92 7.35 -19.88
N ALA A 321 -13.84 6.97 -19.20
CA ALA A 321 -12.56 6.65 -19.87
C ALA A 321 -12.62 5.33 -20.65
N LEU A 322 -13.49 4.42 -20.23
CA LEU A 322 -13.68 3.15 -20.90
C LEU A 322 -14.21 3.39 -22.32
N LYS A 323 -15.06 4.40 -22.51
CA LYS A 323 -15.62 4.77 -23.79
C LYS A 323 -14.61 5.48 -24.72
N TYR A 324 -13.76 6.38 -24.18
CA TYR A 324 -12.91 7.21 -25.04
C TYR A 324 -11.42 6.95 -24.98
N LEU A 325 -10.91 6.37 -23.89
CA LEU A 325 -9.47 6.15 -23.74
C LEU A 325 -9.04 4.68 -23.93
N PRO A 326 -7.82 4.45 -24.47
CA PRO A 326 -7.34 3.07 -24.65
C PRO A 326 -7.16 2.28 -23.34
N ILE A 327 -7.94 1.18 -23.17
CA ILE A 327 -7.97 0.29 -22.00
C ILE A 327 -6.59 -0.22 -21.57
N ASP A 328 -5.67 -0.42 -22.52
CA ASP A 328 -4.32 -0.90 -22.24
C ASP A 328 -3.48 0.09 -21.43
N LYS A 329 -3.71 1.43 -21.57
CA LYS A 329 -2.98 2.39 -20.74
C LYS A 329 -3.79 2.83 -19.51
N CYS A 330 -4.83 2.07 -19.14
CA CYS A 330 -5.66 2.35 -17.98
C CYS A 330 -5.41 1.39 -16.85
N SER A 331 -5.56 1.91 -15.64
CA SER A 331 -5.37 1.12 -14.44
C SER A 331 -6.20 1.65 -13.27
N ARG A 332 -6.93 0.75 -12.59
CA ARG A 332 -7.73 1.09 -11.41
C ARG A 332 -6.98 0.66 -10.11
N ILE A 333 -6.32 1.61 -9.39
CA ILE A 333 -5.58 1.33 -8.16
C ILE A 333 -6.56 1.07 -7.03
N ILE A 334 -6.59 -0.16 -6.53
CA ILE A 334 -7.50 -0.56 -5.47
C ILE A 334 -6.71 -0.82 -4.19
N PRO A 335 -7.17 -0.29 -3.04
CA PRO A 335 -6.44 -0.52 -1.77
C PRO A 335 -6.37 -2.00 -1.40
N ALA A 336 -5.22 -2.41 -0.82
CA ALA A 336 -4.91 -3.79 -0.43
C ALA A 336 -6.07 -4.49 0.29
N ARG A 337 -6.69 -3.81 1.28
CA ARG A 337 -7.86 -4.32 1.99
C ARG A 337 -9.11 -3.83 1.26
N ALA A 338 -9.66 -4.69 0.38
CA ALA A 338 -10.83 -4.38 -0.43
C ALA A 338 -12.10 -4.25 0.40
N ARG A 339 -12.56 -3.01 0.58
CA ARG A 339 -13.76 -2.68 1.36
C ARG A 339 -15.02 -3.15 0.58
N VAL A 340 -15.55 -2.37 -0.40
CA VAL A 340 -16.67 -2.81 -1.25
C VAL A 340 -16.26 -2.86 -2.75
N GLU A 341 -17.09 -3.51 -3.62
CA GLU A 341 -16.88 -3.69 -5.08
C GLU A 341 -16.69 -2.39 -5.88
N CYS A 342 -15.59 -2.30 -6.69
CA CYS A 342 -15.33 -1.10 -7.51
C CYS A 342 -15.12 -1.44 -9.01
N PHE A 343 -14.11 -0.88 -9.69
CA PHE A 343 -13.91 -1.12 -11.12
C PHE A 343 -13.16 -2.41 -11.39
N ASP A 344 -13.69 -3.24 -12.32
CA ASP A 344 -13.10 -4.53 -12.74
C ASP A 344 -12.43 -4.57 -14.11
N LYS A 345 -12.79 -3.67 -15.01
CA LYS A 345 -12.31 -3.72 -16.39
C LYS A 345 -10.89 -3.20 -16.65
N PHE A 346 -10.27 -2.43 -15.74
CA PHE A 346 -8.91 -1.90 -15.99
C PHE A 346 -7.83 -2.80 -15.36
N LYS A 347 -6.57 -2.71 -15.86
CA LYS A 347 -5.46 -3.47 -15.31
C LYS A 347 -5.22 -3.00 -13.87
N VAL A 348 -5.70 -3.77 -12.86
CA VAL A 348 -5.63 -3.49 -11.42
C VAL A 348 -4.19 -3.31 -10.86
N ASN A 349 -3.99 -2.26 -10.02
CA ASN A 349 -2.79 -1.91 -9.27
C ASN A 349 -1.53 -1.60 -10.10
N SER A 350 -1.65 -1.43 -11.45
CA SER A 350 -0.52 -1.08 -12.31
C SER A 350 -0.26 0.43 -12.11
N THR A 351 0.72 0.75 -11.29
CA THR A 351 1.04 2.13 -10.93
C THR A 351 1.65 2.98 -12.09
N LEU A 352 2.32 2.34 -13.08
CA LEU A 352 2.97 3.11 -14.15
C LEU A 352 2.18 3.23 -15.46
N GLU A 353 0.90 2.81 -15.46
CA GLU A 353 0.02 2.96 -16.62
C GLU A 353 -0.17 4.48 -16.88
N GLN A 354 -0.38 4.90 -18.15
CA GLN A 354 -0.53 6.34 -18.46
C GLN A 354 -1.73 6.98 -17.73
N TYR A 355 -2.87 6.28 -17.68
CA TYR A 355 -4.07 6.76 -17.01
C TYR A 355 -4.33 5.92 -15.78
N VAL A 356 -4.20 6.56 -14.61
CA VAL A 356 -4.39 5.93 -13.31
C VAL A 356 -5.62 6.51 -12.61
N PHE A 357 -6.56 5.62 -12.22
CA PHE A 357 -7.84 5.93 -11.55
C PHE A 357 -7.77 5.42 -10.12
N CYS A 358 -7.62 6.32 -9.13
CA CYS A 358 -7.47 5.90 -7.73
C CYS A 358 -8.01 6.94 -6.76
N THR A 359 -8.57 6.46 -5.63
CA THR A 359 -9.07 7.34 -4.57
C THR A 359 -7.93 8.04 -3.81
N VAL A 360 -8.22 9.18 -3.17
CA VAL A 360 -7.20 9.98 -2.44
C VAL A 360 -6.48 9.16 -1.37
N ASN A 361 -7.22 8.32 -0.60
CA ASN A 361 -6.71 7.47 0.49
C ASN A 361 -5.82 6.30 0.04
N ALA A 362 -5.96 5.89 -1.23
CA ALA A 362 -5.16 4.82 -1.81
C ALA A 362 -4.08 5.32 -2.80
N LEU A 363 -3.92 6.66 -2.95
CA LEU A 363 -2.95 7.31 -3.84
C LEU A 363 -1.54 6.93 -3.51
N PRO A 364 -0.84 6.24 -4.42
CA PRO A 364 0.56 5.91 -4.16
C PRO A 364 1.48 7.10 -4.47
N GLU A 365 2.74 6.95 -4.04
CA GLU A 365 3.79 7.92 -4.25
C GLU A 365 4.16 7.88 -5.73
N THR A 366 3.81 8.95 -6.49
CA THR A 366 4.05 9.06 -7.95
C THR A 366 3.93 10.53 -8.47
N THR A 367 4.32 10.78 -9.74
CA THR A 367 4.21 12.07 -10.42
C THR A 367 3.28 11.95 -11.66
N ALA A 368 2.82 13.09 -12.22
CA ALA A 368 1.94 13.10 -13.39
C ALA A 368 2.03 14.43 -14.16
N ASP A 369 1.65 14.44 -15.45
CA ASP A 369 1.64 15.68 -16.22
C ASP A 369 0.43 16.53 -15.81
N ILE A 370 -0.72 15.85 -15.54
CA ILE A 370 -1.95 16.43 -15.02
C ILE A 370 -2.55 15.49 -13.97
N VAL A 371 -3.07 16.09 -12.91
CA VAL A 371 -3.82 15.42 -11.88
C VAL A 371 -5.25 16.03 -11.95
N VAL A 372 -6.26 15.18 -12.08
CA VAL A 372 -7.65 15.63 -12.11
C VAL A 372 -8.27 15.18 -10.76
N PHE A 373 -8.70 16.15 -9.93
CA PHE A 373 -9.38 15.88 -8.66
C PHE A 373 -10.86 16.21 -8.94
N ASP A 374 -11.67 15.15 -9.07
CA ASP A 374 -13.11 15.28 -9.32
C ASP A 374 -13.90 15.28 -7.99
N GLU A 375 -15.16 15.79 -8.02
CA GLU A 375 -16.09 15.87 -6.90
C GLU A 375 -15.42 16.63 -5.76
N ILE A 376 -14.97 17.86 -6.07
CA ILE A 376 -14.23 18.72 -5.16
C ILE A 376 -15.06 19.21 -3.95
N SER A 377 -16.41 19.27 -4.02
CA SER A 377 -17.21 19.68 -2.85
C SER A 377 -17.12 18.66 -1.68
N MET A 378 -16.90 17.36 -2.00
CA MET A 378 -16.74 16.27 -1.01
C MET A 378 -15.33 16.19 -0.39
N ALA A 379 -14.37 16.95 -0.92
CA ALA A 379 -12.99 16.94 -0.43
C ALA A 379 -12.87 17.80 0.79
N THR A 380 -12.05 17.35 1.76
CA THR A 380 -11.71 18.11 2.97
C THR A 380 -10.34 18.75 2.71
N ASN A 381 -9.92 19.69 3.58
CA ASN A 381 -8.60 20.29 3.40
C ASN A 381 -7.47 19.25 3.62
N TYR A 382 -7.75 18.20 4.42
CA TYR A 382 -6.87 17.09 4.66
C TYR A 382 -6.62 16.35 3.33
N ASP A 383 -7.72 16.05 2.58
CA ASP A 383 -7.71 15.39 1.27
C ASP A 383 -6.92 16.22 0.26
N LEU A 384 -7.17 17.55 0.20
CA LEU A 384 -6.45 18.46 -0.70
C LEU A 384 -4.94 18.38 -0.49
N SER A 385 -4.53 18.36 0.78
CA SER A 385 -3.14 18.30 1.22
C SER A 385 -2.49 16.97 0.84
N VAL A 386 -3.17 15.82 1.13
CA VAL A 386 -2.71 14.47 0.80
C VAL A 386 -2.39 14.36 -0.69
N VAL A 387 -3.30 14.82 -1.55
CA VAL A 387 -3.10 14.80 -3.01
C VAL A 387 -1.84 15.58 -3.38
N ASN A 388 -1.62 16.76 -2.77
CA ASN A 388 -0.43 17.55 -3.03
C ASN A 388 0.89 16.87 -2.54
N ALA A 389 0.81 16.09 -1.46
CA ALA A 389 1.95 15.39 -0.91
C ALA A 389 2.29 14.08 -1.66
N ARG A 390 1.29 13.30 -2.11
CA ARG A 390 1.51 12.01 -2.83
C ARG A 390 1.67 12.10 -4.37
N LEU A 391 1.32 13.27 -4.94
CA LEU A 391 1.41 13.48 -6.38
C LEU A 391 2.09 14.82 -6.77
N ARG A 392 3.30 14.78 -7.40
CA ARG A 392 3.97 16.01 -7.86
C ARG A 392 3.65 16.18 -9.35
N ALA A 393 2.83 17.19 -9.69
CA ALA A 393 2.36 17.36 -11.06
C ALA A 393 2.64 18.72 -11.69
N LYS A 394 2.65 18.76 -13.03
CA LYS A 394 2.80 20.00 -13.77
C LYS A 394 1.49 20.80 -13.69
N HIS A 395 0.33 20.11 -13.73
CA HIS A 395 -0.99 20.73 -13.69
C HIS A 395 -2.00 20.02 -12.82
N TYR A 396 -2.75 20.79 -12.03
CA TYR A 396 -3.78 20.23 -11.15
C TYR A 396 -5.14 20.83 -11.54
N VAL A 397 -6.09 19.96 -11.84
CA VAL A 397 -7.44 20.38 -12.22
C VAL A 397 -8.44 19.87 -11.18
N TYR A 398 -9.18 20.79 -10.53
CA TYR A 398 -10.23 20.49 -9.54
C TYR A 398 -11.55 20.67 -10.18
N ILE A 399 -12.30 19.60 -10.26
CA ILE A 399 -13.62 19.59 -10.86
C ILE A 399 -14.66 19.30 -9.77
N GLY A 400 -15.74 20.06 -9.78
CA GLY A 400 -16.80 19.89 -8.79
C GLY A 400 -17.83 20.98 -8.84
N ASP A 401 -18.55 21.15 -7.76
CA ASP A 401 -19.60 22.16 -7.68
C ASP A 401 -19.82 22.49 -6.21
N PRO A 402 -19.48 23.73 -5.79
CA PRO A 402 -19.77 24.13 -4.39
C PRO A 402 -21.28 24.24 -4.07
N ALA A 403 -22.14 24.04 -5.07
CA ALA A 403 -23.61 23.99 -4.90
C ALA A 403 -24.14 22.56 -4.62
N GLN A 404 -23.22 21.58 -4.52
CA GLN A 404 -23.55 20.22 -4.21
C GLN A 404 -23.10 19.88 -2.79
N LEU A 405 -23.31 18.63 -2.38
CA LEU A 405 -23.03 18.22 -1.03
C LEU A 405 -21.54 18.14 -0.66
N PRO A 406 -21.20 18.62 0.56
CA PRO A 406 -19.82 18.51 1.05
C PRO A 406 -19.57 17.18 1.81
N ALA A 407 -18.32 16.97 2.28
CA ALA A 407 -18.02 15.78 3.08
C ALA A 407 -18.76 15.89 4.41
N PRO A 408 -19.41 14.81 4.84
CA PRO A 408 -20.12 14.87 6.14
C PRO A 408 -19.13 15.15 7.28
N ARG A 409 -19.33 16.23 8.03
CA ARG A 409 -18.43 16.56 9.15
C ARG A 409 -19.05 16.03 10.42
N THR A 410 -18.75 14.77 10.76
CA THR A 410 -19.31 14.06 11.91
C THR A 410 -19.36 14.86 13.21
N LEU A 411 -18.28 15.56 13.59
CA LEU A 411 -18.26 16.30 14.86
C LEU A 411 -19.17 17.51 14.88
N LEU A 412 -19.40 18.13 13.71
CA LEU A 412 -20.23 19.34 13.58
C LEU A 412 -21.72 19.11 13.89
N THR A 413 -22.25 19.78 14.95
CA THR A 413 -23.64 19.69 15.37
C THR A 413 -24.35 21.07 15.50
N LYS A 414 -23.57 22.14 15.61
CA LYS A 414 -24.11 23.47 15.81
C LYS A 414 -23.71 24.41 14.68
N GLY A 415 -24.67 24.89 13.91
CA GLY A 415 -24.40 25.78 12.80
C GLY A 415 -24.32 25.00 11.51
N THR A 416 -24.57 25.67 10.41
CA THR A 416 -24.52 25.04 9.10
C THR A 416 -23.26 25.50 8.33
N LEU A 417 -22.54 24.53 7.77
CA LEU A 417 -21.33 24.82 7.00
C LEU A 417 -21.64 25.35 5.57
N GLU A 418 -21.42 26.66 5.31
CA GLU A 418 -21.65 27.26 3.99
C GLU A 418 -20.60 26.82 2.94
N PRO A 419 -21.00 26.79 1.63
CA PRO A 419 -20.09 26.30 0.56
C PRO A 419 -18.73 26.95 0.42
N GLU A 420 -18.63 28.26 0.70
CA GLU A 420 -17.32 28.92 0.69
C GLU A 420 -16.33 28.35 1.76
N TYR A 421 -16.82 27.48 2.66
CA TYR A 421 -15.99 26.92 3.70
C TYR A 421 -15.81 25.39 3.59
N PHE A 422 -16.26 24.75 2.46
CA PHE A 422 -16.12 23.30 2.30
C PHE A 422 -14.64 22.88 2.28
N ASN A 423 -13.87 23.56 1.45
CA ASN A 423 -12.43 23.39 1.33
C ASN A 423 -11.86 24.66 0.68
N SER A 424 -10.52 24.70 0.51
CA SER A 424 -9.84 25.82 -0.10
C SER A 424 -10.27 26.02 -1.57
N VAL A 425 -10.58 24.93 -2.30
CA VAL A 425 -11.01 25.05 -3.70
C VAL A 425 -12.40 25.68 -3.76
N CYS A 426 -13.33 25.16 -2.93
CA CYS A 426 -14.70 25.70 -2.84
C CYS A 426 -14.69 27.16 -2.44
N ARG A 427 -13.82 27.48 -1.46
CA ARG A 427 -13.61 28.84 -0.99
C ARG A 427 -13.33 29.83 -2.16
N LEU A 428 -12.45 29.42 -3.10
CA LEU A 428 -12.12 30.23 -4.26
C LEU A 428 -13.33 30.40 -5.18
N MET A 429 -13.95 29.28 -5.59
CA MET A 429 -15.11 29.29 -6.47
C MET A 429 -16.24 30.17 -6.01
N LYS A 430 -16.38 30.33 -4.70
CA LYS A 430 -17.45 31.12 -4.13
C LYS A 430 -17.06 32.61 -3.94
N THR A 431 -15.77 32.92 -3.76
CA THR A 431 -15.34 34.33 -3.59
C THR A 431 -14.87 34.95 -4.93
N ILE A 432 -13.75 34.46 -5.49
CA ILE A 432 -13.19 34.97 -6.77
C ILE A 432 -13.84 34.40 -8.01
N GLY A 433 -14.62 33.34 -7.85
CA GLY A 433 -15.26 32.65 -8.96
C GLY A 433 -14.43 31.51 -9.49
N PRO A 434 -15.07 30.54 -10.15
CA PRO A 434 -14.30 29.42 -10.72
C PRO A 434 -13.60 29.85 -12.02
N ASP A 435 -12.46 29.23 -12.35
CA ASP A 435 -11.74 29.56 -13.58
C ASP A 435 -12.59 29.21 -14.80
N MET A 436 -13.25 28.06 -14.73
CA MET A 436 -14.11 27.57 -15.80
C MET A 436 -15.47 27.13 -15.21
N PHE A 437 -16.54 27.30 -15.98
CA PHE A 437 -17.92 26.96 -15.58
C PHE A 437 -18.65 26.28 -16.75
N LEU A 438 -19.23 25.10 -16.52
CA LEU A 438 -20.00 24.42 -17.55
C LEU A 438 -21.48 24.90 -17.38
N GLY A 439 -21.93 25.79 -18.25
CA GLY A 439 -23.22 26.43 -18.12
C GLY A 439 -24.44 25.74 -18.72
N THR A 440 -24.25 24.59 -19.37
CA THR A 440 -25.39 23.92 -20.01
C THR A 440 -25.68 22.58 -19.44
N CYS A 441 -26.83 22.46 -18.80
CA CYS A 441 -27.27 21.18 -18.23
C CYS A 441 -27.94 20.33 -19.31
N ARG A 442 -27.34 19.20 -19.62
CA ARG A 442 -27.89 18.30 -20.65
C ARG A 442 -28.70 17.12 -20.06
N ARG A 443 -28.81 17.03 -18.75
CA ARG A 443 -29.51 15.93 -18.12
C ARG A 443 -30.97 16.21 -17.86
N CYS A 444 -31.27 17.34 -17.25
CA CYS A 444 -32.56 17.54 -16.66
C CYS A 444 -33.56 18.25 -17.51
N PRO A 445 -34.87 17.90 -17.30
CA PRO A 445 -35.94 18.68 -17.93
C PRO A 445 -35.82 20.16 -17.52
N ALA A 446 -36.18 21.10 -18.41
CA ALA A 446 -36.10 22.52 -18.11
C ALA A 446 -36.74 22.94 -16.77
N GLU A 447 -37.81 22.27 -16.28
CA GLU A 447 -38.40 22.62 -14.99
C GLU A 447 -37.38 22.51 -13.85
N ILE A 448 -36.58 21.43 -13.87
CA ILE A 448 -35.53 21.19 -12.89
C ILE A 448 -34.35 22.11 -13.09
N VAL A 449 -33.90 22.33 -14.34
CA VAL A 449 -32.77 23.21 -14.58
C VAL A 449 -33.07 24.66 -14.18
N ASP A 450 -34.30 25.13 -14.49
CA ASP A 450 -34.72 26.50 -14.18
C ASP A 450 -34.83 26.72 -12.68
N THR A 451 -35.33 25.69 -11.95
CA THR A 451 -35.49 25.71 -10.49
C THR A 451 -34.13 25.92 -9.77
N VAL A 452 -33.11 25.07 -10.09
CA VAL A 452 -31.79 25.09 -9.46
C VAL A 452 -30.92 26.21 -9.97
N SER A 453 -31.13 26.66 -11.22
CA SER A 453 -30.43 27.81 -11.80
C SER A 453 -30.71 29.05 -10.91
N ALA A 454 -31.99 29.29 -10.54
CA ALA A 454 -32.40 30.40 -9.66
C ALA A 454 -31.99 30.16 -8.19
N LEU A 455 -32.14 28.91 -7.71
CA LEU A 455 -31.86 28.50 -6.35
C LEU A 455 -30.37 28.54 -5.96
N VAL A 456 -29.46 27.98 -6.80
CA VAL A 456 -28.04 27.90 -6.40
C VAL A 456 -27.00 28.47 -7.41
N TYR A 457 -27.38 28.80 -8.67
CA TYR A 457 -26.41 29.25 -9.67
C TYR A 457 -26.55 30.67 -10.18
N ASP A 458 -27.35 31.52 -9.51
CA ASP A 458 -27.58 32.92 -9.91
C ASP A 458 -28.08 33.06 -11.36
N ASN A 459 -28.97 32.17 -11.79
CA ASN A 459 -29.60 32.18 -13.13
C ASN A 459 -28.62 32.05 -14.27
N LYS A 460 -27.50 31.36 -14.02
CA LYS A 460 -26.47 31.16 -15.05
C LYS A 460 -26.44 29.70 -15.59
N LEU A 461 -27.30 28.79 -15.04
CA LEU A 461 -27.36 27.43 -15.54
C LEU A 461 -28.48 27.36 -16.60
N LYS A 462 -28.14 26.92 -17.82
CA LYS A 462 -29.09 26.88 -18.93
C LYS A 462 -29.60 25.47 -19.22
N ALA A 463 -30.86 25.39 -19.67
CA ALA A 463 -31.45 24.11 -19.99
C ALA A 463 -31.22 23.73 -21.46
N HIS A 464 -30.65 22.52 -21.69
CA HIS A 464 -30.46 21.99 -23.02
C HIS A 464 -31.78 21.27 -23.38
N LYS A 465 -32.29 20.41 -22.49
CA LYS A 465 -33.54 19.75 -22.70
C LYS A 465 -34.69 20.77 -22.60
N ASP A 466 -35.84 20.41 -23.18
CA ASP A 466 -37.05 21.20 -23.05
C ASP A 466 -37.68 20.70 -21.70
N LYS A 467 -38.79 21.33 -21.32
CA LYS A 467 -39.58 20.91 -20.20
C LYS A 467 -40.16 19.52 -20.54
N SER A 468 -40.04 18.57 -19.63
CA SER A 468 -40.52 17.23 -19.87
C SER A 468 -42.03 17.10 -19.66
N ALA A 469 -42.66 18.09 -18.94
CA ALA A 469 -44.06 18.12 -18.47
C ALA A 469 -44.37 16.99 -17.52
N GLN A 470 -43.31 16.42 -16.89
CA GLN A 470 -43.39 15.30 -15.96
C GLN A 470 -42.71 15.63 -14.63
N CYS A 471 -42.74 16.92 -14.23
CA CYS A 471 -42.13 17.37 -13.00
C CYS A 471 -43.25 17.90 -12.17
N PHE A 472 -43.57 17.18 -11.10
CA PHE A 472 -44.69 17.46 -10.21
C PHE A 472 -44.26 17.79 -8.81
N LYS A 473 -45.08 18.59 -8.15
CA LYS A 473 -44.84 18.98 -6.77
C LYS A 473 -46.15 18.93 -5.99
N MET A 474 -46.09 18.36 -4.80
CA MET A 474 -47.23 18.27 -3.95
C MET A 474 -46.82 18.75 -2.63
N PHE A 475 -47.52 19.73 -2.10
CA PHE A 475 -47.22 20.22 -0.76
C PHE A 475 -48.06 19.35 0.23
N TYR A 476 -47.39 18.54 1.02
CA TYR A 476 -48.05 17.64 1.95
C TYR A 476 -47.15 17.41 3.15
N LYS A 477 -47.45 18.03 4.30
CA LYS A 477 -46.56 17.90 5.47
C LYS A 477 -46.65 16.51 6.15
N GLY A 478 -47.78 15.83 6.05
CA GLY A 478 -47.99 14.49 6.61
C GLY A 478 -47.81 14.39 8.12
N VAL A 479 -47.14 13.32 8.55
CA VAL A 479 -46.89 12.98 9.95
C VAL A 479 -45.42 12.56 10.07
N ILE A 480 -44.65 13.34 10.86
CA ILE A 480 -43.26 13.00 11.07
C ILE A 480 -43.10 12.09 12.28
N THR A 481 -42.51 10.93 12.07
CA THR A 481 -42.19 9.96 13.12
C THR A 481 -40.68 9.82 13.15
N HIS A 482 -40.08 9.50 14.30
CA HIS A 482 -38.62 9.39 14.38
C HIS A 482 -38.16 8.01 14.81
N ASP A 483 -37.20 7.43 14.06
CA ASP A 483 -36.55 6.16 14.31
C ASP A 483 -35.24 6.61 14.93
N VAL A 484 -35.29 6.88 16.24
CA VAL A 484 -34.20 7.49 17.01
C VAL A 484 -34.19 8.98 16.55
N SER A 485 -33.29 9.41 15.63
CA SER A 485 -33.28 10.78 15.11
C SER A 485 -33.58 10.84 13.57
N SER A 486 -33.28 9.73 12.86
CA SER A 486 -33.59 9.56 11.44
C SER A 486 -35.14 9.56 11.35
N ALA A 487 -35.70 10.32 10.40
CA ALA A 487 -37.13 10.58 10.30
C ALA A 487 -37.87 9.73 9.27
N ILE A 488 -39.16 9.55 9.49
CA ILE A 488 -40.09 8.82 8.64
C ILE A 488 -41.35 9.69 8.49
N ASN A 489 -41.96 9.67 7.33
CA ASN A 489 -43.19 10.35 7.01
C ASN A 489 -44.02 9.33 6.19
N ARG A 490 -44.79 8.48 6.90
CA ARG A 490 -45.65 7.46 6.28
C ARG A 490 -46.75 8.09 5.42
N PRO A 491 -47.45 9.17 5.83
CA PRO A 491 -48.41 9.80 4.92
C PRO A 491 -47.78 10.26 3.55
N GLN A 492 -46.49 10.66 3.54
CA GLN A 492 -45.83 11.04 2.27
C GLN A 492 -45.56 9.80 1.40
N ILE A 493 -45.18 8.66 2.00
CA ILE A 493 -45.02 7.42 1.26
C ILE A 493 -46.40 6.92 0.72
N GLY A 494 -47.46 7.14 1.51
CA GLY A 494 -48.84 6.80 1.16
C GLY A 494 -49.35 7.64 0.00
N VAL A 495 -48.93 8.91 -0.08
CA VAL A 495 -49.27 9.81 -1.19
C VAL A 495 -48.56 9.31 -2.49
N VAL A 496 -47.30 8.84 -2.38
CA VAL A 496 -46.52 8.28 -3.49
C VAL A 496 -47.22 7.02 -4.00
N ARG A 497 -47.67 6.16 -3.10
CA ARG A 497 -48.39 4.94 -3.46
C ARG A 497 -49.65 5.23 -4.30
N GLU A 498 -50.52 6.15 -3.85
CA GLU A 498 -51.72 6.54 -4.60
C GLU A 498 -51.32 7.11 -5.99
N PHE A 499 -50.23 7.87 -6.04
CA PHE A 499 -49.75 8.44 -7.29
C PHE A 499 -49.28 7.33 -8.27
N LEU A 500 -48.60 6.29 -7.76
CA LEU A 500 -48.10 5.18 -8.58
C LEU A 500 -49.22 4.34 -9.17
N THR A 501 -50.39 4.26 -8.48
CA THR A 501 -51.51 3.52 -9.04
C THR A 501 -52.03 4.26 -10.29
N ARG A 502 -52.15 5.60 -10.23
CA ARG A 502 -52.60 6.45 -11.34
C ARG A 502 -51.52 6.71 -12.43
N ASN A 503 -50.22 6.54 -12.13
CA ASN A 503 -49.08 6.79 -13.04
C ASN A 503 -48.12 5.59 -13.05
N PRO A 504 -48.55 4.44 -13.62
CA PRO A 504 -47.71 3.23 -13.62
C PRO A 504 -46.36 3.37 -14.35
N ALA A 505 -46.22 4.38 -15.24
CA ALA A 505 -44.92 4.62 -15.88
C ALA A 505 -43.86 4.99 -14.81
N TRP A 506 -44.30 5.49 -13.65
CA TRP A 506 -43.40 5.84 -12.55
C TRP A 506 -42.95 4.63 -11.73
N ARG A 507 -43.24 3.39 -12.21
CA ARG A 507 -42.83 2.10 -11.64
C ARG A 507 -41.31 1.89 -11.70
N LYS A 508 -40.63 2.58 -12.62
CA LYS A 508 -39.18 2.55 -12.81
C LYS A 508 -38.42 3.64 -11.97
N ALA A 509 -39.16 4.49 -11.24
CA ALA A 509 -38.58 5.56 -10.43
C ALA A 509 -37.72 5.08 -9.25
N VAL A 510 -36.77 5.93 -8.86
CA VAL A 510 -35.90 5.76 -7.71
C VAL A 510 -36.53 6.62 -6.67
N PHE A 511 -36.72 6.07 -5.47
CA PHE A 511 -37.23 6.84 -4.36
C PHE A 511 -36.06 7.51 -3.63
N ILE A 512 -36.00 8.83 -3.63
CA ILE A 512 -34.98 9.60 -2.90
C ILE A 512 -35.64 10.35 -1.73
N SER A 513 -34.91 10.51 -0.62
CA SER A 513 -35.30 11.25 0.57
C SER A 513 -34.06 11.58 1.36
N PRO A 514 -34.12 12.63 2.21
CA PRO A 514 -32.95 12.98 3.02
C PRO A 514 -32.64 11.99 4.14
N TYR A 515 -33.55 11.02 4.45
CA TYR A 515 -33.41 10.07 5.57
C TYR A 515 -33.41 8.62 5.17
N ASN A 516 -32.52 7.83 5.75
CA ASN A 516 -32.46 6.37 5.55
C ASN A 516 -33.75 5.64 6.05
N SER A 517 -34.25 6.05 7.21
CA SER A 517 -35.43 5.43 7.77
C SER A 517 -36.64 5.62 6.88
N GLN A 518 -36.76 6.78 6.20
CA GLN A 518 -37.84 7.05 5.25
C GLN A 518 -37.69 6.09 4.05
N ASN A 519 -36.43 5.96 3.55
CA ASN A 519 -36.05 5.09 2.43
C ASN A 519 -36.37 3.60 2.71
N ALA A 520 -36.20 3.16 3.97
CA ALA A 520 -36.46 1.79 4.40
C ALA A 520 -37.95 1.47 4.39
N VAL A 521 -38.78 2.42 4.89
CA VAL A 521 -40.23 2.31 4.90
C VAL A 521 -40.75 2.33 3.47
N ALA A 522 -40.20 3.23 2.62
CA ALA A 522 -40.58 3.33 1.23
C ALA A 522 -40.14 2.13 0.41
N SER A 523 -39.03 1.46 0.80
CA SER A 523 -38.55 0.28 0.07
C SER A 523 -39.51 -0.87 0.27
N LYS A 524 -40.02 -1.04 1.49
CA LYS A 524 -40.98 -2.08 1.81
C LYS A 524 -42.41 -1.77 1.24
N ILE A 525 -42.93 -0.53 1.43
CA ILE A 525 -44.27 -0.15 0.97
C ILE A 525 -44.36 0.04 -0.54
N LEU A 526 -43.45 0.84 -1.13
CA LEU A 526 -43.49 1.11 -2.58
C LEU A 526 -42.79 0.06 -3.43
N GLY A 527 -41.73 -0.53 -2.89
CA GLY A 527 -40.95 -1.52 -3.62
C GLY A 527 -39.97 -0.94 -4.61
N LEU A 528 -39.84 0.41 -4.64
CA LEU A 528 -38.91 1.16 -5.53
C LEU A 528 -37.50 1.09 -4.97
N PRO A 529 -36.45 1.13 -5.84
CA PRO A 529 -35.09 1.22 -5.32
C PRO A 529 -34.96 2.56 -4.58
N THR A 530 -34.15 2.55 -3.54
CA THR A 530 -34.01 3.65 -2.59
C THR A 530 -32.66 4.36 -2.73
N GLN A 531 -32.61 5.58 -2.21
CA GLN A 531 -31.39 6.35 -2.22
C GLN A 531 -31.52 7.55 -1.30
N THR A 532 -30.48 7.88 -0.53
CA THR A 532 -30.52 9.10 0.27
C THR A 532 -30.06 10.19 -0.71
N VAL A 533 -30.30 11.48 -0.41
CA VAL A 533 -29.83 12.55 -1.33
C VAL A 533 -28.32 12.49 -1.50
N ASP A 534 -27.61 12.28 -0.39
CA ASP A 534 -26.17 12.20 -0.33
C ASP A 534 -25.60 11.06 -1.16
N SER A 535 -26.25 9.89 -1.15
CA SER A 535 -25.77 8.78 -1.98
C SER A 535 -26.24 8.89 -3.45
N SER A 536 -27.25 9.72 -3.73
CA SER A 536 -27.72 9.94 -5.09
C SER A 536 -26.73 10.81 -5.90
N GLN A 537 -25.91 11.64 -5.22
CA GLN A 537 -24.92 12.53 -5.85
C GLN A 537 -24.02 11.79 -6.84
N GLY A 538 -23.90 12.37 -8.04
CA GLY A 538 -23.12 11.78 -9.11
C GLY A 538 -23.92 10.86 -10.02
N SER A 539 -25.11 10.39 -9.56
CA SER A 539 -25.97 9.47 -10.30
C SER A 539 -27.16 10.16 -10.99
N GLU A 540 -27.67 9.54 -12.05
CA GLU A 540 -28.86 10.02 -12.75
C GLU A 540 -29.81 8.88 -13.04
N TYR A 541 -31.10 9.17 -13.01
CA TYR A 541 -32.18 8.18 -13.22
C TYR A 541 -33.28 8.85 -14.06
N ASP A 542 -34.03 8.10 -14.89
CA ASP A 542 -35.11 8.73 -15.68
C ASP A 542 -36.13 9.39 -14.76
N TYR A 543 -36.62 8.64 -13.76
CA TYR A 543 -37.62 9.13 -12.84
C TYR A 543 -37.19 9.09 -11.43
N VAL A 544 -37.47 10.17 -10.73
CA VAL A 544 -37.12 10.30 -9.34
C VAL A 544 -38.33 10.67 -8.53
N ILE A 545 -38.50 10.01 -7.39
CA ILE A 545 -39.58 10.35 -6.47
C ILE A 545 -38.94 10.75 -5.19
N PHE A 546 -39.02 12.05 -4.87
CA PHE A 546 -38.47 12.64 -3.68
C PHE A 546 -39.53 13.00 -2.65
N THR A 547 -39.44 12.45 -1.44
CA THR A 547 -40.29 12.90 -0.31
C THR A 547 -39.36 13.66 0.66
N GLN A 548 -39.65 14.95 0.93
CA GLN A 548 -38.85 15.78 1.81
C GLN A 548 -38.80 15.30 3.26
N THR A 549 -39.78 14.48 3.69
CA THR A 549 -39.95 13.84 5.00
C THR A 549 -40.23 14.83 6.17
N THR A 550 -39.37 15.87 6.37
CA THR A 550 -39.47 16.88 7.45
C THR A 550 -39.13 18.30 6.91
N GLU A 551 -39.27 19.32 7.78
CA GLU A 551 -38.76 20.63 7.47
C GLU A 551 -37.72 20.86 8.52
N THR A 552 -36.60 20.17 8.40
CA THR A 552 -35.43 20.38 9.26
C THR A 552 -34.37 21.18 8.46
N ALA A 553 -33.28 21.63 9.08
CA ALA A 553 -32.19 22.30 8.38
C ALA A 553 -31.53 21.33 7.37
N HIS A 554 -31.51 20.01 7.70
CA HIS A 554 -30.96 18.92 6.91
C HIS A 554 -31.77 18.78 5.65
N SER A 555 -33.09 18.64 5.77
CA SER A 555 -33.93 18.44 4.60
C SER A 555 -34.18 19.71 3.79
N CYS A 556 -34.03 20.89 4.42
CA CYS A 556 -34.21 22.15 3.70
C CYS A 556 -32.93 22.72 3.12
N ASN A 557 -31.77 22.06 3.35
CA ASN A 557 -30.49 22.51 2.83
C ASN A 557 -30.55 22.64 1.30
N VAL A 558 -30.22 23.82 0.77
CA VAL A 558 -30.27 24.07 -0.65
C VAL A 558 -29.29 23.21 -1.45
N ASN A 559 -28.07 22.91 -0.94
CA ASN A 559 -27.16 22.05 -1.68
C ASN A 559 -27.75 20.64 -1.85
N ARG A 560 -28.42 20.12 -0.78
CA ARG A 560 -29.09 18.83 -0.73
C ARG A 560 -30.31 18.88 -1.66
N PHE A 561 -31.09 19.98 -1.61
CA PHE A 561 -32.27 20.11 -2.46
C PHE A 561 -31.88 20.10 -3.96
N ASN A 562 -30.83 20.83 -4.27
CA ASN A 562 -30.25 20.90 -5.60
C ASN A 562 -29.87 19.50 -6.10
N VAL A 563 -29.10 18.74 -5.32
CA VAL A 563 -28.71 17.39 -5.72
C VAL A 563 -29.92 16.48 -5.91
N ALA A 564 -30.86 16.51 -4.94
CA ALA A 564 -32.06 15.70 -5.01
C ALA A 564 -32.83 15.83 -6.30
N ILE A 565 -33.16 17.07 -6.75
CA ILE A 565 -34.00 17.22 -7.90
C ILE A 565 -33.22 17.11 -9.23
N THR A 566 -31.89 17.34 -9.21
CA THR A 566 -31.05 17.22 -10.42
C THR A 566 -30.58 15.75 -10.72
N ARG A 567 -31.24 14.74 -10.16
CA ARG A 567 -30.92 13.32 -10.46
C ARG A 567 -31.75 12.84 -11.66
N ALA A 568 -33.00 13.40 -11.82
CA ALA A 568 -33.97 13.08 -12.85
C ALA A 568 -33.57 13.53 -14.25
N LYS A 569 -33.72 12.62 -15.21
CA LYS A 569 -33.45 12.92 -16.60
C LYS A 569 -34.77 13.24 -17.28
N VAL A 570 -35.85 12.54 -16.90
CA VAL A 570 -37.16 12.67 -17.52
C VAL A 570 -38.22 13.39 -16.64
N GLY A 571 -38.51 12.88 -15.45
CA GLY A 571 -39.52 13.47 -14.61
C GLY A 571 -39.23 13.27 -13.14
N ILE A 572 -39.83 14.12 -12.32
CA ILE A 572 -39.64 14.06 -10.89
C ILE A 572 -40.93 14.38 -10.19
N LEU A 573 -41.15 13.73 -9.04
CA LEU A 573 -42.30 13.97 -8.20
C LEU A 573 -41.69 14.38 -6.86
N CYS A 574 -42.02 15.59 -6.39
CA CYS A 574 -41.56 16.09 -5.11
C CYS A 574 -42.72 16.23 -4.13
N ILE A 575 -42.71 15.46 -3.02
CA ILE A 575 -43.69 15.60 -1.95
C ILE A 575 -42.92 16.44 -0.94
N MET A 576 -43.29 17.73 -0.83
CA MET A 576 -42.65 18.77 -0.03
C MET A 576 -43.28 19.05 1.32
N SER A 577 -42.45 19.42 2.29
CA SER A 577 -42.84 19.80 3.65
C SER A 577 -42.62 21.31 3.87
N ASP A 578 -41.56 21.89 3.25
CA ASP A 578 -41.20 23.30 3.35
C ASP A 578 -41.85 24.09 2.20
N ARG A 579 -42.68 25.08 2.58
CA ARG A 579 -43.42 25.96 1.69
C ARG A 579 -42.48 26.76 0.79
N ASP A 580 -41.35 27.21 1.34
CA ASP A 580 -40.31 27.97 0.64
C ASP A 580 -39.82 27.19 -0.61
N LEU A 581 -39.24 26.00 -0.41
CA LEU A 581 -38.73 25.20 -1.49
C LEU A 581 -39.85 24.73 -2.38
N TYR A 582 -41.06 24.43 -1.82
CA TYR A 582 -42.23 24.03 -2.63
C TYR A 582 -42.58 25.13 -3.65
N ASP A 583 -42.65 26.39 -3.19
CA ASP A 583 -43.00 27.53 -4.04
C ASP A 583 -41.92 27.84 -5.07
N LYS A 584 -40.66 27.57 -4.73
CA LYS A 584 -39.53 27.77 -5.61
C LYS A 584 -39.53 26.73 -6.74
N LEU A 585 -40.05 25.49 -6.49
CA LEU A 585 -40.09 24.45 -7.52
C LEU A 585 -40.98 24.84 -8.74
N GLN A 586 -40.34 24.97 -9.92
CA GLN A 586 -41.04 25.35 -11.16
C GLN A 586 -41.59 24.11 -11.82
N PHE A 587 -42.50 23.43 -11.11
CA PHE A 587 -43.13 22.14 -11.43
C PHE A 587 -44.63 22.31 -11.41
N THR A 588 -45.34 21.37 -12.03
CA THR A 588 -46.80 21.34 -12.07
C THR A 588 -47.28 20.88 -10.69
N SER A 589 -48.16 21.66 -10.04
CA SER A 589 -48.64 21.26 -8.73
C SER A 589 -49.74 20.15 -8.87
N LEU A 590 -49.60 19.03 -8.14
CA LEU A 590 -50.57 17.94 -8.18
C LEU A 590 -51.63 18.11 -7.05
N GLU A 591 -52.70 17.27 -7.02
CA GLU A 591 -53.70 17.37 -5.97
C GLU A 591 -54.05 16.03 -5.30
N ILE A 592 -54.49 16.19 -4.03
CA ILE A 592 -54.94 15.27 -2.96
C ILE A 592 -54.17 15.68 -1.69
N VAL B 2 8.72 8.33 -23.92
CA VAL B 2 10.13 8.73 -23.99
C VAL B 2 10.85 8.43 -22.68
N GLY B 3 12.10 7.98 -22.79
CA GLY B 3 12.93 7.61 -21.64
C GLY B 3 14.39 7.33 -21.96
N ALA B 4 15.14 6.79 -20.99
CA ALA B 4 16.58 6.51 -21.10
C ALA B 4 16.93 5.05 -21.45
N CYS B 5 17.87 4.88 -22.38
CA CYS B 5 18.33 3.56 -22.82
C CYS B 5 18.97 2.71 -21.71
N VAL B 6 18.63 1.41 -21.68
CA VAL B 6 19.19 0.50 -20.70
C VAL B 6 20.62 0.08 -21.04
N LEU B 7 21.10 0.30 -22.30
CA LEU B 7 22.48 -0.10 -22.62
C LEU B 7 23.51 1.06 -22.66
N CYS B 8 23.09 2.30 -22.93
CA CYS B 8 24.03 3.42 -22.93
C CYS B 8 23.40 4.75 -22.46
N ASN B 9 22.16 4.73 -21.99
CA ASN B 9 21.39 5.87 -21.48
C ASN B 9 21.08 6.95 -22.52
N SER B 10 21.35 6.70 -23.82
CA SER B 10 21.03 7.64 -24.88
C SER B 10 19.52 7.78 -24.97
N GLN B 11 19.00 8.99 -24.80
CA GLN B 11 17.56 9.22 -24.83
C GLN B 11 16.83 8.59 -26.06
N THR B 12 15.59 8.08 -25.85
CA THR B 12 14.78 7.49 -26.93
C THR B 12 13.31 7.41 -26.64
N SER B 13 12.54 7.45 -27.76
CA SER B 13 11.13 7.22 -27.90
C SER B 13 10.83 5.69 -28.02
N LEU B 14 11.86 4.86 -28.27
CA LEU B 14 11.79 3.42 -28.48
C LEU B 14 11.93 2.53 -27.24
N ARG B 15 11.03 1.55 -27.12
CA ARG B 15 11.03 0.48 -26.14
C ARG B 15 10.93 -0.86 -26.93
N CYS B 16 11.48 -1.97 -26.41
CA CYS B 16 11.29 -3.26 -27.09
C CYS B 16 9.96 -3.83 -26.60
N GLY B 17 9.01 -3.97 -27.50
CA GLY B 17 7.69 -4.51 -27.16
C GLY B 17 7.65 -6.00 -26.94
N ALA B 18 8.74 -6.74 -27.34
CA ALA B 18 8.86 -8.19 -27.16
C ALA B 18 9.47 -8.60 -25.79
N CYS B 19 10.24 -7.70 -25.18
CA CYS B 19 10.81 -7.89 -23.86
C CYS B 19 9.65 -7.83 -22.87
N ILE B 20 9.57 -8.75 -21.89
CA ILE B 20 8.44 -8.68 -20.96
C ILE B 20 8.49 -7.40 -20.09
N ARG B 21 9.67 -6.74 -20.00
CA ARG B 21 9.84 -5.49 -19.25
C ARG B 21 9.85 -4.22 -20.10
N ARG B 22 9.73 -4.35 -21.44
CA ARG B 22 9.70 -3.24 -22.39
C ARG B 22 10.78 -2.17 -22.11
N PRO B 23 12.08 -2.54 -22.14
CA PRO B 23 13.12 -1.57 -21.82
C PRO B 23 13.31 -0.53 -22.90
N PHE B 24 13.74 0.67 -22.50
CA PHE B 24 14.03 1.73 -23.45
C PHE B 24 15.33 1.36 -24.17
N LEU B 25 15.27 1.35 -25.49
CA LEU B 25 16.44 1.05 -26.30
C LEU B 25 16.65 2.25 -27.26
N CYS B 26 17.91 2.73 -27.37
CA CYS B 26 18.19 3.85 -28.25
C CYS B 26 18.08 3.43 -29.74
N CYS B 27 18.30 4.36 -30.70
CA CYS B 27 18.19 3.98 -32.10
C CYS B 27 19.22 2.92 -32.52
N LYS B 28 20.49 3.01 -32.02
CA LYS B 28 21.51 2.02 -32.41
C LYS B 28 21.33 0.71 -31.65
N CYS B 29 21.01 0.79 -30.36
CA CYS B 29 20.86 -0.38 -29.47
C CYS B 29 19.57 -1.14 -29.73
N CYS B 30 18.49 -0.43 -30.06
CA CYS B 30 17.21 -1.07 -30.36
C CYS B 30 17.34 -1.94 -31.62
N TYR B 31 18.09 -1.41 -32.62
CA TYR B 31 18.38 -2.06 -33.89
C TYR B 31 19.21 -3.30 -33.62
N ASP B 32 20.35 -3.12 -32.90
CA ASP B 32 21.23 -4.23 -32.56
C ASP B 32 20.46 -5.38 -31.84
N HIS B 33 19.42 -5.02 -31.07
CA HIS B 33 18.57 -5.95 -30.37
C HIS B 33 17.60 -6.68 -31.32
N VAL B 34 16.90 -5.95 -32.21
CA VAL B 34 15.91 -6.57 -33.08
C VAL B 34 16.56 -7.42 -34.18
N ILE B 35 17.76 -7.05 -34.62
CA ILE B 35 18.46 -7.79 -35.67
C ILE B 35 19.21 -9.04 -35.15
N SER B 36 19.36 -9.18 -33.83
CA SER B 36 20.09 -10.31 -33.23
C SER B 36 19.20 -11.30 -32.50
N THR B 37 17.96 -10.91 -32.17
CA THR B 37 17.02 -11.78 -31.46
C THR B 37 15.68 -11.89 -32.24
N SER B 38 14.80 -12.82 -31.80
CA SER B 38 13.43 -12.99 -32.28
C SER B 38 12.54 -11.77 -31.89
N HIS B 39 13.06 -10.83 -31.10
CA HIS B 39 12.33 -9.67 -30.66
C HIS B 39 12.24 -8.69 -31.80
N LYS B 40 11.04 -8.51 -32.35
CA LYS B 40 10.86 -7.61 -33.50
C LYS B 40 9.84 -6.50 -33.25
N LEU B 41 9.03 -6.58 -32.19
CA LEU B 41 8.04 -5.54 -31.93
C LEU B 41 8.72 -4.35 -31.28
N VAL B 42 8.60 -3.16 -31.87
CA VAL B 42 9.21 -1.94 -31.30
C VAL B 42 8.12 -0.93 -30.88
N LEU B 43 8.03 -0.58 -29.58
CA LEU B 43 7.05 0.39 -29.11
C LEU B 43 7.65 1.78 -29.11
N SER B 44 6.77 2.77 -29.33
CA SER B 44 7.05 4.20 -29.34
C SER B 44 5.77 4.91 -28.81
N VAL B 45 5.48 6.17 -29.25
CA VAL B 45 4.24 6.93 -28.95
C VAL B 45 3.06 6.03 -29.40
N ASN B 46 3.22 5.44 -30.60
CA ASN B 46 2.40 4.41 -31.19
C ASN B 46 3.33 3.21 -31.51
N PRO B 47 2.86 1.95 -31.36
CA PRO B 47 3.71 0.80 -31.69
C PRO B 47 3.98 0.75 -33.19
N TYR B 48 5.11 0.14 -33.53
CA TYR B 48 5.48 -0.01 -34.92
C TYR B 48 4.75 -1.22 -35.43
N VAL B 49 3.62 -0.95 -36.08
CA VAL B 49 2.72 -1.93 -36.66
C VAL B 49 2.00 -1.28 -37.84
N CYS B 50 1.84 -2.02 -38.97
CA CYS B 50 1.17 -1.47 -40.14
C CYS B 50 -0.27 -0.97 -39.85
N ASN B 51 -0.51 0.31 -40.11
CA ASN B 51 -1.79 0.96 -39.86
C ASN B 51 -2.82 0.76 -41.00
N ALA B 52 -2.47 0.00 -42.05
CA ALA B 52 -3.40 -0.36 -43.13
C ALA B 52 -4.41 -1.35 -42.58
N PRO B 53 -5.69 -1.23 -43.03
CA PRO B 53 -6.75 -2.11 -42.50
C PRO B 53 -6.51 -3.62 -42.64
N GLY B 54 -6.56 -4.32 -41.50
CA GLY B 54 -6.40 -5.77 -41.43
C GLY B 54 -4.99 -6.28 -41.61
N CYS B 55 -4.00 -5.36 -41.64
CA CYS B 55 -2.62 -5.77 -41.80
C CYS B 55 -1.95 -6.13 -40.50
N ASP B 56 -1.54 -7.40 -40.39
CA ASP B 56 -0.87 -7.94 -39.20
C ASP B 56 0.68 -7.93 -39.29
N VAL B 57 1.28 -6.90 -39.91
CA VAL B 57 2.74 -6.82 -39.99
C VAL B 57 3.20 -6.02 -38.78
N THR B 58 3.99 -6.66 -37.87
CA THR B 58 4.52 -6.04 -36.65
C THR B 58 6.06 -6.12 -36.51
N ASP B 59 6.76 -6.64 -37.51
CA ASP B 59 8.23 -6.75 -37.48
C ASP B 59 8.76 -5.41 -37.96
N VAL B 60 9.62 -4.75 -37.16
CA VAL B 60 10.20 -3.43 -37.48
C VAL B 60 11.11 -3.48 -38.74
N THR B 61 11.67 -4.67 -39.10
CA THR B 61 12.50 -4.82 -40.31
C THR B 61 11.64 -4.79 -41.59
N GLN B 62 10.37 -5.21 -41.48
CA GLN B 62 9.38 -5.23 -42.56
C GLN B 62 8.46 -4.00 -42.45
N LEU B 63 8.91 -2.89 -41.83
CA LEU B 63 8.08 -1.69 -41.68
C LEU B 63 8.76 -0.40 -42.14
N TYR B 64 7.94 0.63 -42.48
CA TYR B 64 8.31 1.95 -43.05
C TYR B 64 7.41 3.12 -42.52
N LEU B 65 7.88 4.39 -42.56
CA LEU B 65 7.00 5.52 -42.20
C LEU B 65 6.56 6.26 -43.45
N GLY B 66 5.26 6.32 -43.61
CA GLY B 66 4.63 7.03 -44.71
C GLY B 66 3.88 8.24 -44.19
N GLY B 67 4.50 9.41 -44.33
CA GLY B 67 3.93 10.67 -43.86
C GLY B 67 3.93 10.76 -42.36
N MET B 68 2.84 10.35 -41.74
CA MET B 68 2.72 10.36 -40.28
C MET B 68 2.39 8.96 -39.69
N SER B 69 2.01 7.99 -40.56
CA SER B 69 1.65 6.63 -40.19
C SER B 69 2.75 5.58 -40.54
N TYR B 70 2.62 4.36 -40.01
CA TYR B 70 3.59 3.29 -40.25
C TYR B 70 2.94 2.18 -41.11
N TYR B 71 3.67 1.61 -42.10
CA TYR B 71 3.15 0.59 -43.02
C TYR B 71 4.22 -0.43 -43.42
N CYS B 72 3.81 -1.64 -43.80
CA CYS B 72 4.74 -2.67 -44.27
C CYS B 72 5.15 -2.43 -45.76
N LYS B 73 5.88 -3.39 -46.38
CA LYS B 73 6.26 -3.25 -47.79
C LYS B 73 5.02 -3.40 -48.71
N SER B 74 3.95 -4.11 -48.25
CA SER B 74 2.69 -4.30 -48.98
C SER B 74 1.70 -3.11 -48.87
N HIS B 75 1.94 -2.15 -47.97
CA HIS B 75 1.02 -1.01 -47.85
C HIS B 75 1.69 0.36 -47.88
N LYS B 76 3.01 0.41 -47.84
CA LYS B 76 3.74 1.69 -47.83
C LYS B 76 3.46 2.60 -49.05
N PRO B 77 3.28 3.92 -48.82
CA PRO B 77 3.14 4.85 -49.95
C PRO B 77 4.53 5.17 -50.56
N PRO B 78 4.58 5.77 -51.76
CA PRO B 78 5.88 5.99 -52.42
C PRO B 78 6.90 6.83 -51.66
N ILE B 79 6.41 7.82 -50.90
CA ILE B 79 7.28 8.71 -50.10
C ILE B 79 7.44 8.14 -48.69
N SER B 80 8.29 7.09 -48.56
CA SER B 80 8.49 6.42 -47.28
C SER B 80 9.91 5.86 -47.16
N PHE B 81 10.37 5.70 -45.91
CA PHE B 81 11.70 5.19 -45.58
C PHE B 81 11.58 4.04 -44.58
N PRO B 82 12.48 3.04 -44.65
CA PRO B 82 12.36 1.90 -43.74
C PRO B 82 12.75 2.23 -42.31
N LEU B 83 12.05 1.64 -41.34
CA LEU B 83 12.36 1.87 -39.92
C LEU B 83 13.76 1.30 -39.58
N CYS B 84 14.13 0.16 -40.18
CA CYS B 84 15.46 -0.41 -39.99
C CYS B 84 16.36 -0.13 -41.17
N ALA B 85 17.38 0.72 -40.95
CA ALA B 85 18.37 1.08 -41.96
C ALA B 85 19.51 1.80 -41.28
N ASN B 86 20.75 1.58 -41.75
CA ASN B 86 21.95 2.25 -41.24
C ASN B 86 22.20 2.02 -39.73
N GLY B 87 21.98 0.79 -39.26
CA GLY B 87 22.22 0.43 -37.86
C GLY B 87 21.34 1.10 -36.82
N GLN B 88 20.22 1.68 -37.28
CA GLN B 88 19.31 2.37 -36.40
C GLN B 88 17.86 1.97 -36.64
N VAL B 89 17.07 2.04 -35.57
CA VAL B 89 15.63 1.86 -35.63
C VAL B 89 15.12 3.29 -35.52
N PHE B 90 14.30 3.74 -36.49
CA PHE B 90 13.81 5.11 -36.51
C PHE B 90 13.10 5.52 -35.21
N GLY B 91 13.60 6.55 -34.56
CA GLY B 91 13.02 7.05 -33.33
C GLY B 91 13.49 8.44 -32.95
N LEU B 92 13.00 8.97 -31.83
CA LEU B 92 13.39 10.30 -31.35
C LEU B 92 14.86 10.34 -30.88
N TYR B 93 15.46 11.55 -30.88
CA TYR B 93 16.83 11.83 -30.43
C TYR B 93 17.89 10.93 -31.08
N LYS B 94 17.75 10.68 -32.39
CA LYS B 94 18.67 9.87 -33.19
C LYS B 94 20.08 10.50 -33.29
N ASN B 95 20.18 11.81 -33.00
CA ASN B 95 21.41 12.58 -32.97
C ASN B 95 22.21 12.18 -31.73
N THR B 96 21.56 12.23 -30.54
CA THR B 96 22.17 11.88 -29.26
C THR B 96 22.04 10.35 -29.00
N CYS B 97 22.41 9.56 -30.01
CA CYS B 97 22.43 8.12 -30.00
C CYS B 97 23.91 7.75 -29.85
N VAL B 98 24.23 7.01 -28.80
CA VAL B 98 25.60 6.62 -28.51
C VAL B 98 25.92 5.19 -28.99
N GLY B 99 25.07 4.24 -28.64
CA GLY B 99 25.31 2.85 -28.99
C GLY B 99 26.00 2.12 -27.86
N SER B 100 26.29 0.86 -28.08
CA SER B 100 26.91 0.01 -27.08
C SER B 100 27.72 -1.07 -27.80
N ASP B 101 29.01 -1.24 -27.41
CA ASP B 101 29.95 -2.22 -27.97
C ASP B 101 29.37 -3.66 -27.95
N ASN B 102 28.96 -4.13 -26.76
CA ASN B 102 28.39 -5.47 -26.63
C ASN B 102 26.96 -5.46 -26.13
N VAL B 103 26.04 -5.61 -27.09
CA VAL B 103 24.60 -5.80 -26.84
C VAL B 103 24.32 -7.32 -26.53
N THR B 104 25.36 -8.20 -26.63
CA THR B 104 25.30 -9.66 -26.49
C THR B 104 24.70 -10.09 -25.18
N ASP B 105 25.22 -9.57 -24.04
CA ASP B 105 24.72 -9.89 -22.71
C ASP B 105 23.27 -9.43 -22.50
N PHE B 106 22.88 -8.24 -23.02
CA PHE B 106 21.50 -7.77 -22.93
C PHE B 106 20.57 -8.74 -23.66
N ASN B 107 20.97 -9.19 -24.86
CA ASN B 107 20.19 -10.10 -25.70
C ASN B 107 19.89 -11.39 -24.95
N ALA B 108 20.88 -11.95 -24.26
CA ALA B 108 20.73 -13.20 -23.52
C ALA B 108 19.82 -13.06 -22.29
N ILE B 109 19.80 -11.89 -21.62
CA ILE B 109 18.89 -11.66 -20.47
C ILE B 109 17.48 -11.49 -20.98
N ALA B 110 17.31 -10.73 -22.08
CA ALA B 110 16.00 -10.42 -22.65
C ALA B 110 15.26 -11.66 -23.20
N THR B 111 16.01 -12.73 -23.57
CA THR B 111 15.45 -13.93 -24.21
C THR B 111 15.59 -15.26 -23.43
N CYS B 112 16.33 -15.30 -22.33
CA CYS B 112 16.49 -16.54 -21.55
C CYS B 112 15.21 -16.89 -20.78
N ASP B 113 15.01 -18.18 -20.50
CA ASP B 113 13.82 -18.62 -19.78
C ASP B 113 14.01 -18.75 -18.26
N TRP B 114 15.23 -18.49 -17.75
CA TRP B 114 15.61 -18.51 -16.34
C TRP B 114 15.58 -19.90 -15.71
N THR B 115 15.58 -20.97 -16.52
CA THR B 115 15.58 -22.33 -15.99
C THR B 115 17.01 -22.89 -15.80
N ASN B 116 18.03 -22.21 -16.35
CA ASN B 116 19.45 -22.56 -16.32
C ASN B 116 20.22 -21.75 -15.26
N ALA B 117 21.26 -22.34 -14.66
CA ALA B 117 22.07 -21.62 -13.68
C ALA B 117 22.87 -20.49 -14.35
N GLY B 118 23.32 -20.72 -15.59
CA GLY B 118 24.10 -19.75 -16.35
C GLY B 118 23.36 -18.44 -16.59
N ASP B 119 22.01 -18.48 -16.51
CA ASP B 119 21.14 -17.31 -16.66
C ASP B 119 21.28 -16.38 -15.47
N TYR B 120 21.49 -16.94 -14.26
CA TYR B 120 21.66 -16.22 -13.02
C TYR B 120 23.09 -15.73 -12.82
N ILE B 121 24.08 -16.53 -13.33
CA ILE B 121 25.50 -16.20 -13.33
C ILE B 121 25.66 -14.91 -14.13
N LEU B 122 25.06 -14.85 -15.35
CA LEU B 122 25.10 -13.67 -16.20
C LEU B 122 24.37 -12.45 -15.53
N ALA B 123 23.21 -12.68 -14.88
CA ALA B 123 22.48 -11.61 -14.17
C ALA B 123 23.30 -10.95 -13.03
N ASN B 124 24.45 -11.55 -12.69
CA ASN B 124 25.33 -11.05 -11.67
C ASN B 124 26.71 -10.60 -12.20
N THR B 125 27.12 -11.10 -13.38
CA THR B 125 28.41 -10.68 -13.94
C THR B 125 28.29 -9.43 -14.86
N CYS B 126 27.07 -9.10 -15.30
CA CYS B 126 26.81 -7.98 -16.21
C CYS B 126 27.03 -6.63 -15.57
N THR B 127 26.96 -5.55 -16.36
CA THR B 127 27.09 -4.20 -15.83
C THR B 127 25.94 -3.91 -14.83
N GLU B 128 26.10 -2.88 -14.01
CA GLU B 128 25.08 -2.55 -13.01
C GLU B 128 23.68 -2.33 -13.60
N ARG B 129 23.62 -1.66 -14.75
CA ARG B 129 22.34 -1.41 -15.41
C ARG B 129 21.74 -2.73 -15.95
N LEU B 130 22.60 -3.63 -16.44
CA LEU B 130 22.12 -4.93 -16.90
C LEU B 130 21.72 -5.85 -15.72
N LYS B 131 22.28 -5.60 -14.51
CA LYS B 131 21.92 -6.30 -13.28
C LYS B 131 20.47 -5.93 -12.92
N LEU B 132 20.08 -4.64 -13.09
CA LEU B 132 18.70 -4.23 -12.80
C LEU B 132 17.74 -4.74 -13.82
N PHE B 133 18.13 -4.73 -15.09
CA PHE B 133 17.26 -5.23 -16.15
C PHE B 133 17.00 -6.73 -15.95
N ALA B 134 18.08 -7.50 -15.66
CA ALA B 134 17.98 -8.92 -15.39
C ALA B 134 17.13 -9.20 -14.14
N ALA B 135 17.28 -8.38 -13.08
CA ALA B 135 16.52 -8.59 -11.84
C ALA B 135 15.01 -8.42 -12.05
N GLU B 136 14.64 -7.41 -12.83
CA GLU B 136 13.25 -7.07 -13.17
C GLU B 136 12.61 -8.12 -14.10
N THR B 137 13.35 -8.53 -15.15
CA THR B 137 12.94 -9.52 -16.14
C THR B 137 12.71 -10.88 -15.44
N LEU B 138 13.67 -11.30 -14.59
CA LEU B 138 13.59 -12.53 -13.83
C LEU B 138 12.34 -12.49 -12.91
N LYS B 139 12.15 -11.41 -12.10
CA LYS B 139 10.97 -11.31 -11.23
C LYS B 139 9.65 -11.27 -12.02
N ALA B 140 9.62 -10.59 -13.18
CA ALA B 140 8.41 -10.56 -13.99
C ALA B 140 8.09 -11.96 -14.50
N THR B 141 9.12 -12.72 -14.94
CA THR B 141 8.99 -14.08 -15.45
C THR B 141 8.47 -15.01 -14.36
N GLU B 142 9.05 -14.93 -13.14
CA GLU B 142 8.66 -15.73 -11.98
C GLU B 142 7.21 -15.47 -11.59
N GLU B 143 6.80 -14.18 -11.56
CA GLU B 143 5.44 -13.78 -11.20
C GLU B 143 4.46 -14.27 -12.27
N THR B 144 4.85 -14.14 -13.55
CA THR B 144 4.02 -14.57 -14.69
C THR B 144 3.88 -16.11 -14.71
N PHE B 145 4.90 -16.83 -14.31
CA PHE B 145 4.88 -18.28 -14.25
C PHE B 145 3.95 -18.81 -13.13
N LYS B 146 3.67 -18.00 -12.08
CA LYS B 146 2.78 -18.42 -11.01
C LYS B 146 1.36 -18.67 -11.58
N LEU B 147 0.90 -17.81 -12.54
CA LEU B 147 -0.42 -17.87 -13.22
C LEU B 147 -0.54 -19.11 -14.09
N SER B 148 0.58 -19.62 -14.66
CA SER B 148 0.63 -20.84 -15.48
C SER B 148 0.05 -22.10 -14.78
N TYR B 149 -0.05 -22.06 -13.43
CA TYR B 149 -0.63 -23.12 -12.63
C TYR B 149 -2.16 -22.95 -12.58
N GLY B 150 -2.87 -24.07 -12.44
CA GLY B 150 -4.32 -24.04 -12.41
C GLY B 150 -4.94 -23.64 -11.08
N ILE B 151 -6.24 -23.29 -11.08
CA ILE B 151 -7.01 -22.92 -9.88
C ILE B 151 -7.41 -24.20 -9.17
N ALA B 152 -7.12 -24.31 -7.87
CA ALA B 152 -7.49 -25.50 -7.11
C ALA B 152 -8.76 -25.20 -6.33
N THR B 153 -9.89 -25.79 -6.73
CA THR B 153 -11.16 -25.56 -6.04
C THR B 153 -11.45 -26.69 -5.05
N VAL B 154 -12.32 -26.46 -4.03
CA VAL B 154 -12.68 -27.52 -3.08
C VAL B 154 -13.76 -28.48 -3.65
N ARG B 155 -13.50 -29.79 -3.60
CA ARG B 155 -14.40 -30.83 -4.10
C ARG B 155 -15.19 -31.49 -2.94
N GLU B 156 -14.60 -31.60 -1.74
CA GLU B 156 -15.26 -32.25 -0.61
C GLU B 156 -14.59 -31.76 0.69
N VAL B 157 -15.33 -31.05 1.56
CA VAL B 157 -14.76 -30.58 2.84
C VAL B 157 -14.71 -31.76 3.84
N LEU B 158 -13.64 -32.59 3.73
CA LEU B 158 -13.41 -33.86 4.45
C LEU B 158 -13.36 -33.75 6.01
N SER B 159 -12.38 -33.04 6.56
CA SER B 159 -12.24 -32.90 8.00
C SER B 159 -11.76 -31.47 8.31
N ASP B 160 -11.63 -31.14 9.60
CA ASP B 160 -11.17 -29.81 10.01
C ASP B 160 -9.64 -29.73 9.90
N ARG B 161 -9.06 -30.32 8.83
CA ARG B 161 -7.62 -30.37 8.54
C ARG B 161 -7.35 -30.95 7.15
N GLU B 162 -8.24 -31.84 6.66
CA GLU B 162 -8.11 -32.50 5.35
C GLU B 162 -9.17 -32.01 4.34
N LEU B 163 -8.93 -32.24 3.04
CA LEU B 163 -9.79 -31.81 1.93
C LEU B 163 -9.66 -32.75 0.68
N HIS B 164 -10.39 -32.41 -0.41
CA HIS B 164 -10.38 -33.03 -1.75
C HIS B 164 -10.42 -31.85 -2.72
N LEU B 165 -9.46 -31.77 -3.69
CA LEU B 165 -9.49 -30.63 -4.59
C LEU B 165 -9.60 -30.97 -6.08
N SER B 166 -10.35 -30.11 -6.80
CA SER B 166 -10.55 -30.15 -8.25
C SER B 166 -9.50 -29.22 -8.87
N TRP B 167 -8.74 -29.72 -9.83
CA TRP B 167 -7.71 -28.95 -10.49
C TRP B 167 -8.13 -28.54 -11.88
N GLU B 168 -7.63 -27.38 -12.32
CA GLU B 168 -7.90 -26.84 -13.64
C GLU B 168 -7.09 -27.59 -14.69
N VAL B 169 -7.81 -28.20 -15.63
CA VAL B 169 -7.22 -28.98 -16.72
C VAL B 169 -6.56 -28.09 -17.77
N GLY B 170 -5.48 -28.62 -18.35
CA GLY B 170 -4.67 -27.91 -19.31
C GLY B 170 -3.44 -27.33 -18.63
N LYS B 171 -3.67 -26.71 -17.47
CA LYS B 171 -2.65 -26.08 -16.67
C LYS B 171 -2.06 -27.00 -15.60
N PRO B 172 -0.72 -26.98 -15.49
CA PRO B 172 -0.03 -27.82 -14.48
C PRO B 172 -0.41 -27.63 -13.01
N ARG B 173 -0.05 -28.63 -12.19
CA ARG B 173 -0.30 -28.60 -10.76
C ARG B 173 1.00 -28.25 -10.00
N PRO B 174 0.96 -27.18 -9.20
CA PRO B 174 2.15 -26.76 -8.45
C PRO B 174 2.52 -27.66 -7.28
N PRO B 175 3.80 -27.64 -6.86
CA PRO B 175 4.21 -28.48 -5.72
C PRO B 175 3.45 -28.19 -4.44
N LEU B 176 3.17 -29.23 -3.65
CA LEU B 176 2.44 -29.06 -2.40
C LEU B 176 3.37 -29.07 -1.17
N ASN B 177 3.86 -27.88 -0.77
CA ASN B 177 4.73 -27.72 0.39
C ASN B 177 4.61 -26.32 1.05
N ARG B 178 5.37 -26.03 2.12
CA ARG B 178 5.35 -24.71 2.77
C ARG B 178 5.99 -23.62 1.87
N ASN B 179 6.77 -24.02 0.83
CA ASN B 179 7.38 -23.09 -0.16
C ASN B 179 6.29 -22.52 -1.13
N TYR B 180 5.07 -23.08 -1.12
CA TYR B 180 3.99 -22.61 -2.00
C TYR B 180 2.79 -22.14 -1.16
N VAL B 181 2.65 -20.81 -0.99
CA VAL B 181 1.55 -20.27 -0.19
C VAL B 181 0.40 -19.71 -1.06
N PHE B 182 -0.71 -20.44 -1.06
CA PHE B 182 -1.95 -20.13 -1.79
C PHE B 182 -2.79 -19.11 -1.07
N THR B 183 -3.92 -18.74 -1.66
CA THR B 183 -4.85 -17.79 -1.05
C THR B 183 -6.27 -18.22 -1.36
N GLY B 184 -7.06 -18.45 -0.33
CA GLY B 184 -8.44 -18.88 -0.52
C GLY B 184 -9.34 -17.77 -1.00
N TYR B 185 -10.34 -18.11 -1.81
CA TYR B 185 -11.28 -17.12 -2.33
C TYR B 185 -12.72 -17.65 -2.29
N ARG B 186 -13.73 -16.78 -2.04
CA ARG B 186 -15.14 -17.21 -2.06
C ARG B 186 -15.87 -16.57 -3.25
N VAL B 187 -16.69 -17.38 -3.93
CA VAL B 187 -17.44 -17.03 -5.15
C VAL B 187 -18.66 -16.12 -4.84
N THR B 188 -18.49 -14.77 -4.80
CA THR B 188 -19.62 -13.83 -4.54
C THR B 188 -20.41 -13.52 -5.86
N LYS B 189 -21.44 -12.63 -5.82
CA LYS B 189 -22.25 -12.23 -6.99
C LYS B 189 -21.41 -12.09 -8.31
N ASN B 190 -20.51 -11.10 -8.39
CA ASN B 190 -19.64 -10.98 -9.57
C ASN B 190 -18.22 -10.58 -9.18
N SER B 191 -17.74 -11.16 -8.06
CA SER B 191 -16.40 -10.92 -7.56
C SER B 191 -15.98 -11.96 -6.49
N LYS B 192 -14.69 -11.92 -6.04
CA LYS B 192 -14.11 -12.84 -5.06
C LYS B 192 -13.58 -12.13 -3.76
N VAL B 193 -13.88 -12.74 -2.61
CA VAL B 193 -13.45 -12.21 -1.32
C VAL B 193 -12.24 -12.99 -0.78
N GLN B 194 -11.13 -12.26 -0.44
CA GLN B 194 -9.89 -12.84 0.12
C GLN B 194 -10.25 -13.57 1.42
N ILE B 195 -9.81 -14.82 1.55
CA ILE B 195 -10.14 -15.64 2.71
C ILE B 195 -8.87 -16.13 3.45
N GLY B 196 -7.78 -15.37 3.34
CA GLY B 196 -6.53 -15.71 4.01
C GLY B 196 -5.71 -16.71 3.23
N GLU B 197 -4.41 -16.78 3.56
CA GLU B 197 -3.44 -17.63 2.89
C GLU B 197 -3.47 -19.08 3.40
N TYR B 198 -3.10 -20.04 2.54
CA TYR B 198 -3.15 -21.46 2.84
C TYR B 198 -1.95 -22.21 2.30
N THR B 199 -1.52 -23.26 3.00
CA THR B 199 -0.44 -24.15 2.57
C THR B 199 -0.95 -25.59 2.52
N PHE B 200 -0.39 -26.43 1.65
CA PHE B 200 -0.91 -27.78 1.47
C PHE B 200 0.16 -28.89 1.52
N GLU B 201 -0.30 -30.15 1.63
CA GLU B 201 0.53 -31.35 1.70
C GLU B 201 -0.28 -32.60 1.31
N LYS B 202 0.40 -33.68 0.93
CA LYS B 202 -0.25 -34.96 0.60
C LYS B 202 -0.83 -35.56 1.92
N GLY B 203 -2.00 -36.20 1.87
CA GLY B 203 -2.64 -36.81 3.04
C GLY B 203 -2.68 -38.34 3.03
N ALA B 208 -6.09 -36.49 -1.65
CA ALA B 208 -6.56 -35.76 -0.46
C ALA B 208 -5.47 -34.88 0.13
N VAL B 209 -5.69 -33.55 0.15
CA VAL B 209 -4.70 -32.60 0.66
C VAL B 209 -4.94 -32.15 2.11
N VAL B 210 -3.88 -31.70 2.78
CA VAL B 210 -3.92 -31.24 4.16
C VAL B 210 -3.82 -29.70 4.16
N TYR B 211 -4.88 -28.99 4.61
CA TYR B 211 -4.84 -27.53 4.58
C TYR B 211 -4.27 -26.92 5.85
N ARG B 212 -3.24 -26.12 5.68
CA ARG B 212 -2.55 -25.40 6.76
C ARG B 212 -2.89 -23.93 6.61
N GLY B 213 -4.10 -23.61 6.99
CA GLY B 213 -4.62 -22.26 6.89
C GLY B 213 -4.04 -21.24 7.82
N THR B 214 -3.44 -20.18 7.24
CA THR B 214 -2.91 -19.06 8.02
C THR B 214 -4.03 -18.33 8.82
N THR B 215 -5.28 -18.78 8.70
CA THR B 215 -6.44 -18.32 9.42
C THR B 215 -7.39 -19.52 9.69
N THR B 216 -8.43 -19.33 10.52
CA THR B 216 -9.38 -20.40 10.84
C THR B 216 -10.72 -20.24 10.09
N TYR B 217 -10.89 -20.97 8.98
CA TYR B 217 -12.12 -20.88 8.22
C TYR B 217 -12.86 -22.19 8.10
N LYS B 218 -14.21 -22.09 7.96
CA LYS B 218 -15.12 -23.22 7.77
C LYS B 218 -15.38 -23.28 6.25
N LEU B 219 -14.27 -23.39 5.45
CA LEU B 219 -14.27 -23.42 3.99
C LEU B 219 -15.24 -24.44 3.44
N ASN B 220 -15.95 -24.07 2.38
CA ASN B 220 -16.92 -24.95 1.78
C ASN B 220 -16.57 -25.30 0.34
N VAL B 221 -17.17 -26.40 -0.15
CA VAL B 221 -17.05 -26.97 -1.48
C VAL B 221 -17.36 -25.89 -2.53
N GLY B 222 -16.33 -25.32 -3.15
CA GLY B 222 -16.50 -24.27 -4.13
C GLY B 222 -15.49 -23.15 -4.03
N ASP B 223 -14.88 -22.98 -2.85
CA ASP B 223 -13.86 -21.94 -2.67
C ASP B 223 -12.60 -22.43 -3.38
N TYR B 224 -11.83 -21.51 -3.95
CA TYR B 224 -10.63 -21.86 -4.69
C TYR B 224 -9.36 -21.28 -4.07
N PHE B 225 -8.16 -21.72 -4.55
CA PHE B 225 -6.85 -21.30 -4.02
C PHE B 225 -5.90 -20.90 -5.14
N VAL B 226 -5.37 -19.68 -5.10
CA VAL B 226 -4.45 -19.25 -6.14
C VAL B 226 -3.19 -18.73 -5.54
N LEU B 227 -2.03 -19.04 -6.18
CA LEU B 227 -0.72 -18.54 -5.78
C LEU B 227 -0.71 -17.06 -5.98
N THR B 228 -0.62 -16.30 -4.89
CA THR B 228 -0.72 -14.85 -4.95
C THR B 228 0.39 -14.23 -5.78
N SER B 229 0.03 -13.87 -7.01
CA SER B 229 0.96 -13.23 -7.93
C SER B 229 1.05 -11.72 -7.62
N HIS B 230 2.18 -11.10 -7.97
CA HIS B 230 2.38 -9.69 -7.72
C HIS B 230 2.94 -8.92 -8.92
N THR B 231 2.86 -7.59 -8.83
CA THR B 231 3.34 -6.71 -9.89
C THR B 231 4.80 -6.32 -9.62
N VAL B 232 5.63 -6.30 -10.67
CA VAL B 232 7.05 -5.96 -10.61
C VAL B 232 7.24 -4.49 -11.00
N MET B 233 7.70 -3.65 -10.07
CA MET B 233 7.92 -2.23 -10.29
C MET B 233 9.30 -1.99 -10.79
N PRO B 234 9.46 -1.23 -11.90
CA PRO B 234 10.80 -0.99 -12.46
C PRO B 234 11.87 -0.59 -11.43
N LEU B 235 13.13 -0.93 -11.73
CA LEU B 235 14.23 -0.67 -10.82
C LEU B 235 14.95 0.60 -11.19
N SER B 236 15.12 1.50 -10.24
CA SER B 236 15.81 2.77 -10.43
C SER B 236 17.28 2.71 -9.87
N ALA B 237 17.42 2.48 -8.56
CA ALA B 237 18.70 2.45 -7.83
C ALA B 237 19.59 1.22 -8.11
N PRO B 238 20.95 1.32 -7.97
CA PRO B 238 21.81 0.14 -8.14
C PRO B 238 21.66 -0.92 -7.04
N THR B 239 22.16 -2.15 -7.25
CA THR B 239 22.04 -3.21 -6.22
C THR B 239 22.92 -2.84 -5.03
N LEU B 240 24.13 -2.30 -5.33
CA LEU B 240 25.13 -1.78 -4.42
C LEU B 240 25.47 -0.33 -4.80
N VAL B 241 25.34 0.62 -3.84
CA VAL B 241 25.76 2.01 -4.06
C VAL B 241 27.31 2.04 -4.28
N PRO B 242 27.87 3.14 -4.81
CA PRO B 242 29.34 3.20 -4.98
C PRO B 242 30.09 3.17 -3.62
N GLN B 243 31.14 2.33 -3.50
CA GLN B 243 31.88 2.19 -2.23
C GLN B 243 32.69 3.43 -1.91
N GLU B 244 32.75 3.79 -0.62
CA GLU B 244 33.55 4.89 -0.13
C GLU B 244 34.25 4.46 1.13
N HIS B 245 35.57 4.58 1.16
CA HIS B 245 36.31 4.31 2.36
C HIS B 245 36.67 5.64 2.95
N TYR B 246 36.39 5.79 4.23
CA TYR B 246 36.66 7.02 4.94
C TYR B 246 37.86 6.84 5.90
N VAL B 247 38.44 7.95 6.34
CA VAL B 247 39.58 8.00 7.23
C VAL B 247 39.23 8.25 8.72
N ARG B 248 37.94 8.56 8.98
CA ARG B 248 37.36 8.80 10.30
C ARG B 248 35.96 8.27 10.25
N ILE B 249 35.34 7.99 11.43
CA ILE B 249 33.91 7.65 11.49
C ILE B 249 33.11 8.88 10.97
N THR B 250 32.16 8.63 10.04
CA THR B 250 31.40 9.69 9.39
C THR B 250 29.92 9.78 9.79
N GLY B 251 29.52 10.92 10.33
CA GLY B 251 28.12 11.21 10.65
C GLY B 251 27.44 10.40 11.72
N LEU B 252 28.24 9.59 12.42
CA LEU B 252 27.83 8.73 13.52
C LEU B 252 28.62 9.13 14.76
N TYR B 253 27.97 9.10 15.94
CA TYR B 253 28.64 9.53 17.15
C TYR B 253 28.69 8.37 18.18
N PRO B 254 29.90 7.77 18.32
CA PRO B 254 30.05 6.62 19.21
C PRO B 254 29.86 6.91 20.70
N THR B 255 29.51 5.86 21.42
CA THR B 255 29.24 5.90 22.85
C THR B 255 30.58 5.98 23.58
N LEU B 256 30.58 6.53 24.80
CA LEU B 256 31.81 6.54 25.61
C LEU B 256 31.90 5.24 26.42
N ASN B 257 30.73 4.73 26.89
CA ASN B 257 30.54 3.47 27.60
C ASN B 257 29.56 2.51 26.90
N ILE B 258 29.92 1.25 26.91
CA ILE B 258 29.13 0.18 26.37
C ILE B 258 29.22 -1.00 27.31
N SER B 259 28.26 -1.90 27.24
CA SER B 259 28.29 -3.13 28.03
C SER B 259 29.37 -4.04 27.46
N ASP B 260 29.92 -4.89 28.32
CA ASP B 260 30.91 -5.87 27.87
C ASP B 260 30.28 -6.99 26.99
N GLU B 261 28.97 -6.96 26.78
CA GLU B 261 28.25 -7.86 25.89
C GLU B 261 28.42 -7.44 24.42
N PHE B 262 28.65 -6.14 24.17
CA PHE B 262 28.86 -5.66 22.81
C PHE B 262 30.26 -5.19 22.57
N SER B 263 31.21 -5.47 23.48
CA SER B 263 32.57 -5.00 23.32
C SER B 263 33.38 -5.80 22.29
N SER B 264 32.97 -7.05 22.00
CA SER B 264 33.64 -7.85 20.97
C SER B 264 33.39 -7.31 19.55
N ASN B 265 32.34 -6.47 19.40
CA ASN B 265 32.03 -5.87 18.13
C ASN B 265 32.45 -4.40 18.01
N VAL B 266 33.10 -3.81 19.03
CA VAL B 266 33.49 -2.39 18.95
C VAL B 266 34.43 -2.09 17.72
N ALA B 267 35.44 -2.97 17.45
CA ALA B 267 36.33 -2.76 16.32
C ALA B 267 35.59 -2.84 14.99
N ASN B 268 34.50 -3.62 14.93
CA ASN B 268 33.64 -3.79 13.75
C ASN B 268 32.63 -2.61 13.60
N TYR B 269 32.05 -2.13 14.71
CA TYR B 269 31.16 -0.97 14.66
C TYR B 269 31.93 0.27 14.15
N GLN B 270 33.24 0.36 14.40
CA GLN B 270 34.10 1.46 13.94
C GLN B 270 34.35 1.34 12.45
N LYS B 271 34.60 0.10 11.98
CA LYS B 271 34.74 -0.22 10.56
C LYS B 271 33.42 0.15 9.82
N VAL B 272 32.24 -0.02 10.51
CA VAL B 272 30.90 0.34 10.03
C VAL B 272 30.81 1.86 9.75
N GLY B 273 31.38 2.68 10.64
CA GLY B 273 31.39 4.12 10.45
C GLY B 273 32.48 4.62 9.53
N MET B 274 33.34 3.73 9.01
CA MET B 274 34.44 4.11 8.14
C MET B 274 34.38 3.57 6.67
N GLN B 275 33.20 3.20 6.20
CA GLN B 275 32.93 2.86 4.79
C GLN B 275 31.46 3.15 4.48
N LYS B 276 31.11 3.37 3.20
CA LYS B 276 29.73 3.66 2.80
C LYS B 276 28.90 2.39 3.08
N TYR B 277 29.37 1.24 2.60
CA TYR B 277 28.74 -0.03 2.90
C TYR B 277 29.79 -1.00 3.41
N SER B 278 29.30 -1.94 4.27
CA SER B 278 30.12 -2.97 4.87
C SER B 278 29.41 -4.34 4.87
N THR B 279 30.17 -5.41 4.71
CA THR B 279 29.63 -6.75 4.67
C THR B 279 30.01 -7.53 5.95
N LEU B 280 29.06 -8.29 6.48
CA LEU B 280 29.29 -9.09 7.66
C LEU B 280 28.89 -10.56 7.42
N GLN B 281 29.89 -11.45 7.44
CA GLN B 281 29.61 -12.87 7.33
C GLN B 281 29.44 -13.43 8.77
N GLY B 282 28.25 -13.95 9.04
CA GLY B 282 27.95 -14.53 10.33
C GLY B 282 27.49 -15.98 10.23
N PRO B 283 28.45 -16.94 10.37
CA PRO B 283 28.07 -18.37 10.40
C PRO B 283 26.97 -18.66 11.42
N PRO B 284 26.36 -19.87 11.41
CA PRO B 284 25.31 -20.16 12.38
C PRO B 284 25.72 -19.91 13.84
N GLY B 285 24.84 -19.26 14.59
CA GLY B 285 25.03 -19.00 16.03
C GLY B 285 26.26 -18.19 16.40
N THR B 286 26.76 -17.33 15.50
CA THR B 286 27.92 -16.49 15.82
C THR B 286 27.51 -15.09 16.35
N GLY B 287 26.20 -14.79 16.48
CA GLY B 287 25.70 -13.52 17.02
C GLY B 287 25.46 -12.37 16.05
N LYS B 288 24.69 -12.64 14.99
CA LYS B 288 24.41 -11.63 13.98
C LYS B 288 23.42 -10.58 14.48
N SER B 289 22.35 -11.05 15.14
CA SER B 289 21.30 -10.19 15.73
C SER B 289 21.92 -9.33 16.82
N HIS B 290 22.80 -9.93 17.62
CA HIS B 290 23.52 -9.23 18.67
C HIS B 290 24.35 -8.09 18.08
N PHE B 291 25.05 -8.37 16.98
CA PHE B 291 25.82 -7.37 16.27
C PHE B 291 24.92 -6.24 15.76
N ALA B 292 23.80 -6.58 15.09
CA ALA B 292 22.91 -5.57 14.58
C ALA B 292 22.34 -4.67 15.65
N ILE B 293 21.80 -5.23 16.76
CA ILE B 293 21.21 -4.39 17.83
C ILE B 293 22.27 -3.61 18.58
N GLY B 294 23.42 -4.24 18.78
CA GLY B 294 24.55 -3.63 19.47
C GLY B 294 25.18 -2.46 18.77
N LEU B 295 25.01 -2.40 17.46
CA LEU B 295 25.48 -1.30 16.64
C LEU B 295 24.72 -0.03 17.03
N ALA B 296 23.42 -0.14 17.39
CA ALA B 296 22.57 0.96 17.84
C ALA B 296 23.00 1.46 19.20
N LEU B 297 23.45 0.57 20.07
CA LEU B 297 23.95 0.96 21.38
C LEU B 297 25.34 1.65 21.24
N TYR B 298 26.12 1.28 20.21
CA TYR B 298 27.42 1.91 19.95
C TYR B 298 27.30 3.30 19.35
N TYR B 299 26.34 3.55 18.45
CA TYR B 299 26.04 4.88 17.91
C TYR B 299 24.62 5.16 18.42
N PRO B 300 24.48 5.68 19.66
CA PRO B 300 23.13 5.80 20.26
C PRO B 300 22.24 6.89 19.71
N SER B 301 22.84 7.87 19.02
CA SER B 301 22.14 9.00 18.39
C SER B 301 21.70 8.67 16.94
N ALA B 302 22.32 7.63 16.31
CA ALA B 302 22.03 7.19 14.95
C ALA B 302 20.61 6.68 14.74
N ARG B 303 19.95 7.12 13.67
CA ARG B 303 18.64 6.63 13.29
C ARG B 303 18.93 5.39 12.44
N ILE B 304 18.42 4.21 12.87
CA ILE B 304 18.70 2.96 12.17
C ILE B 304 17.48 2.24 11.65
N VAL B 305 17.51 1.87 10.36
CA VAL B 305 16.45 1.08 9.77
C VAL B 305 16.91 -0.35 9.59
N TYR B 306 16.22 -1.28 10.24
CA TYR B 306 16.47 -2.72 10.24
C TYR B 306 15.57 -3.36 9.24
N THR B 307 16.16 -3.92 8.20
CA THR B 307 15.42 -4.55 7.12
C THR B 307 15.93 -5.96 6.77
N ALA B 308 15.06 -6.75 6.17
CA ALA B 308 15.28 -8.12 5.70
C ALA B 308 14.12 -8.49 4.73
N CYS B 309 14.27 -9.55 3.95
CA CYS B 309 13.26 -9.96 2.99
C CYS B 309 12.02 -10.50 3.63
N SER B 310 12.19 -11.37 4.65
CA SER B 310 11.07 -12.00 5.33
C SER B 310 10.56 -11.28 6.57
N HIS B 311 9.29 -11.48 6.89
CA HIS B 311 8.73 -10.94 8.12
C HIS B 311 9.40 -11.63 9.31
N ALA B 312 9.71 -12.95 9.22
CA ALA B 312 10.40 -13.73 10.27
C ALA B 312 11.81 -13.18 10.62
N ALA B 313 12.59 -12.75 9.61
CA ALA B 313 13.91 -12.19 9.88
C ALA B 313 13.78 -10.80 10.51
N VAL B 314 12.77 -10.00 10.07
CA VAL B 314 12.54 -8.66 10.62
C VAL B 314 12.13 -8.79 12.08
N ASP B 315 11.22 -9.74 12.38
CA ASP B 315 10.69 -10.09 13.70
C ASP B 315 11.80 -10.55 14.64
N ALA B 316 12.77 -11.33 14.13
CA ALA B 316 13.87 -11.80 14.94
C ALA B 316 14.77 -10.61 15.37
N LEU B 317 14.88 -9.55 14.51
CA LEU B 317 15.60 -8.30 14.85
C LEU B 317 14.79 -7.45 15.87
N CYS B 318 13.48 -7.46 15.77
CA CYS B 318 12.58 -6.78 16.69
C CYS B 318 12.73 -7.41 18.07
N GLU B 319 12.79 -8.74 18.15
CA GLU B 319 12.92 -9.47 19.40
C GLU B 319 14.21 -9.17 20.13
N LYS B 320 15.31 -9.03 19.40
CA LYS B 320 16.60 -8.67 19.99
C LYS B 320 16.57 -7.19 20.41
N ALA B 321 15.91 -6.30 19.63
CA ALA B 321 15.81 -4.87 19.98
C ALA B 321 14.90 -4.63 21.18
N LEU B 322 13.94 -5.52 21.40
CA LEU B 322 13.01 -5.45 22.51
C LEU B 322 13.78 -5.58 23.81
N LYS B 323 14.83 -6.40 23.83
CA LYS B 323 15.67 -6.62 24.99
C LYS B 323 16.65 -5.44 25.28
N TYR B 324 17.24 -4.83 24.23
CA TYR B 324 18.29 -3.84 24.44
C TYR B 324 17.95 -2.40 24.10
N LEU B 325 16.99 -2.17 23.20
CA LEU B 325 16.65 -0.80 22.76
C LEU B 325 15.34 -0.25 23.35
N PRO B 326 15.27 1.09 23.60
CA PRO B 326 14.04 1.69 24.15
C PRO B 326 12.82 1.54 23.24
N ILE B 327 11.75 0.82 23.71
CA ILE B 327 10.51 0.55 22.97
C ILE B 327 9.82 1.80 22.40
N ASP B 328 9.93 2.95 23.09
CA ASP B 328 9.34 4.21 22.64
C ASP B 328 10.00 4.75 21.37
N LYS B 329 11.30 4.40 21.16
CA LYS B 329 12.10 4.76 19.98
C LYS B 329 12.03 3.67 18.86
N CYS B 330 11.06 2.71 18.95
CA CYS B 330 10.89 1.59 18.02
C CYS B 330 9.57 1.58 17.30
N SER B 331 9.61 1.07 16.06
CA SER B 331 8.43 0.98 15.23
C SER B 331 8.52 -0.19 14.24
N ARG B 332 7.46 -1.01 14.16
CA ARG B 332 7.39 -2.14 13.23
C ARG B 332 6.46 -1.78 12.04
N ILE B 333 7.04 -1.41 10.87
CA ILE B 333 6.27 -1.04 9.68
C ILE B 333 5.67 -2.27 9.06
N ILE B 334 4.34 -2.36 9.06
CA ILE B 334 3.62 -3.52 8.54
C ILE B 334 2.88 -3.13 7.28
N PRO B 335 2.99 -3.93 6.20
CA PRO B 335 2.28 -3.60 4.94
C PRO B 335 0.75 -3.61 5.10
N ALA B 336 0.06 -2.72 4.36
CA ALA B 336 -1.40 -2.62 4.38
C ALA B 336 -2.05 -3.93 3.94
N VAL B 340 -0.85 -11.26 7.17
CA VAL B 340 -0.19 -12.27 8.02
C VAL B 340 0.49 -11.64 9.28
N GLU B 341 0.22 -12.20 10.49
CA GLU B 341 0.72 -11.73 11.80
C GLU B 341 2.26 -11.70 12.00
N CYS B 342 2.80 -10.56 12.44
CA CYS B 342 4.23 -10.42 12.67
C CYS B 342 4.57 -9.90 14.13
N PHE B 343 5.37 -8.81 14.31
CA PHE B 343 5.75 -8.30 15.63
C PHE B 343 4.80 -7.17 16.09
N ASP B 344 4.01 -7.40 17.16
CA ASP B 344 2.98 -6.44 17.62
C ASP B 344 3.43 -5.56 18.80
N LYS B 345 4.66 -5.73 19.29
CA LYS B 345 5.13 -5.01 20.46
C LYS B 345 5.81 -3.64 20.20
N PHE B 346 5.78 -3.11 18.97
CA PHE B 346 6.34 -1.77 18.69
C PHE B 346 5.24 -0.84 18.16
N LYS B 347 5.45 0.50 18.23
CA LYS B 347 4.49 1.48 17.71
C LYS B 347 4.39 1.29 16.18
N VAL B 348 3.32 0.61 15.69
CA VAL B 348 3.05 0.28 14.27
C VAL B 348 3.00 1.50 13.33
N ASN B 349 3.78 1.43 12.26
CA ASN B 349 3.84 2.38 11.15
C ASN B 349 4.18 3.84 11.50
N SER B 350 4.82 4.11 12.64
CA SER B 350 5.24 5.49 12.95
C SER B 350 6.60 5.67 12.27
N THR B 351 6.59 5.98 10.96
CA THR B 351 7.74 6.11 10.04
C THR B 351 8.91 6.98 10.60
N LEU B 352 8.67 7.93 11.53
CA LEU B 352 9.76 8.79 12.01
C LEU B 352 10.42 8.39 13.34
N GLU B 353 10.10 7.18 13.86
CA GLU B 353 10.71 6.62 15.07
C GLU B 353 12.22 6.40 14.78
N GLN B 354 13.10 6.51 15.80
CA GLN B 354 14.55 6.35 15.57
C GLN B 354 14.92 4.97 15.02
N TYR B 355 14.29 3.91 15.54
CA TYR B 355 14.54 2.55 15.10
C TYR B 355 13.32 2.02 14.39
N VAL B 356 13.45 1.77 13.09
CA VAL B 356 12.40 1.28 12.22
C VAL B 356 12.72 -0.14 11.72
N PHE B 357 11.84 -1.08 11.97
CA PHE B 357 12.03 -2.46 11.52
C PHE B 357 10.93 -2.67 10.50
N CYS B 358 11.32 -3.07 9.30
CA CYS B 358 10.40 -3.27 8.20
C CYS B 358 11.02 -4.14 7.11
N THR B 359 10.17 -4.95 6.42
CA THR B 359 10.61 -5.80 5.31
C THR B 359 10.92 -4.94 4.09
N VAL B 360 11.75 -5.46 3.18
CA VAL B 360 12.15 -4.74 1.96
C VAL B 360 10.99 -4.26 1.13
N ASN B 361 9.97 -5.12 0.85
CA ASN B 361 8.88 -4.65 -0.03
C ASN B 361 8.01 -3.56 0.64
N ALA B 362 7.90 -3.58 1.99
CA ALA B 362 7.12 -2.57 2.70
C ALA B 362 7.90 -1.30 3.08
N LEU B 363 9.18 -1.19 2.70
CA LEU B 363 10.05 -0.05 3.01
C LEU B 363 9.52 1.24 2.42
N PRO B 364 9.20 2.21 3.27
CA PRO B 364 8.76 3.49 2.76
C PRO B 364 9.92 4.39 2.35
N GLU B 365 9.58 5.48 1.66
CA GLU B 365 10.55 6.47 1.21
C GLU B 365 10.97 7.26 2.42
N THR B 366 12.25 7.10 2.83
CA THR B 366 12.87 7.73 4.02
C THR B 366 14.42 7.66 3.99
N THR B 367 15.11 8.39 4.90
CA THR B 367 16.57 8.36 5.03
C THR B 367 16.96 7.80 6.43
N ALA B 368 18.23 7.40 6.62
CA ALA B 368 18.73 6.87 7.89
C ALA B 368 20.24 7.09 8.05
N ASP B 369 20.76 7.07 9.28
CA ASP B 369 22.20 7.20 9.50
C ASP B 369 22.87 5.88 9.16
N ILE B 370 22.20 4.75 9.47
CA ILE B 370 22.60 3.38 9.13
C ILE B 370 21.36 2.59 8.73
N VAL B 371 21.52 1.76 7.69
CA VAL B 371 20.55 0.78 7.25
C VAL B 371 21.20 -0.59 7.49
N VAL B 372 20.54 -1.49 8.24
CA VAL B 372 21.03 -2.84 8.46
C VAL B 372 20.14 -3.79 7.62
N PHE B 373 20.73 -4.49 6.65
CA PHE B 373 20.03 -5.48 5.81
C PHE B 373 20.52 -6.83 6.32
N ASP B 374 19.66 -7.55 7.07
CA ASP B 374 19.96 -8.86 7.62
C ASP B 374 19.51 -9.99 6.66
N GLU B 375 20.07 -11.20 6.87
CA GLU B 375 19.83 -12.43 6.11
C GLU B 375 20.05 -12.16 4.64
N ILE B 376 21.26 -11.67 4.29
CA ILE B 376 21.65 -11.24 2.96
C ILE B 376 21.71 -12.39 1.94
N SER B 377 21.92 -13.67 2.32
CA SER B 377 21.92 -14.79 1.35
C SER B 377 20.54 -15.00 0.70
N MET B 378 19.46 -14.67 1.44
CA MET B 378 18.06 -14.76 0.99
C MET B 378 17.59 -13.59 0.09
N ALA B 379 18.42 -12.53 -0.02
CA ALA B 379 18.09 -11.35 -0.83
C ALA B 379 18.40 -11.62 -2.30
N THR B 380 17.56 -11.05 -3.18
CA THR B 380 17.75 -11.09 -4.63
C THR B 380 18.30 -9.71 -5.03
N ASN B 381 18.76 -9.58 -6.27
CA ASN B 381 19.27 -8.28 -6.72
C ASN B 381 18.15 -7.23 -6.80
N TYR B 382 16.90 -7.70 -6.97
CA TYR B 382 15.72 -6.87 -6.97
C TYR B 382 15.58 -6.20 -5.60
N ASP B 383 15.70 -7.03 -4.53
CA ASP B 383 15.62 -6.62 -3.15
C ASP B 383 16.72 -5.58 -2.84
N LEU B 384 17.97 -5.86 -3.25
CA LEU B 384 19.11 -4.95 -3.04
C LEU B 384 18.84 -3.56 -3.62
N SER B 385 18.27 -3.54 -4.83
CA SER B 385 17.93 -2.35 -5.57
C SER B 385 16.83 -1.54 -4.88
N VAL B 386 15.73 -2.22 -4.48
CA VAL B 386 14.60 -1.60 -3.78
C VAL B 386 15.09 -0.86 -2.52
N VAL B 387 15.91 -1.53 -1.69
CA VAL B 387 16.48 -0.93 -0.48
C VAL B 387 17.24 0.35 -0.82
N ASN B 388 18.05 0.33 -1.90
CA ASN B 388 18.80 1.51 -2.31
C ASN B 388 17.90 2.68 -2.81
N ALA B 389 16.74 2.33 -3.42
CA ALA B 389 15.80 3.32 -3.93
C ALA B 389 14.94 3.96 -2.85
N ARG B 390 14.42 3.15 -1.90
CA ARG B 390 13.57 3.61 -0.81
C ARG B 390 14.36 4.37 0.29
N LEU B 391 15.61 3.94 0.61
CA LEU B 391 16.41 4.45 1.74
C LEU B 391 17.74 5.13 1.37
N ARG B 392 17.88 6.46 1.59
CA ARG B 392 19.17 7.15 1.32
C ARG B 392 19.93 7.25 2.67
N ALA B 393 21.02 6.48 2.82
CA ALA B 393 21.72 6.39 4.10
C ALA B 393 23.19 6.76 4.07
N LYS B 394 23.74 7.15 5.25
CA LYS B 394 25.15 7.41 5.38
C LYS B 394 25.92 6.09 5.37
N HIS B 395 25.36 5.03 5.97
CA HIS B 395 25.98 3.71 6.07
C HIS B 395 25.03 2.57 5.82
N TYR B 396 25.47 1.59 5.06
CA TYR B 396 24.67 0.40 4.77
C TYR B 396 25.44 -0.82 5.27
N VAL B 397 24.83 -1.61 6.15
CA VAL B 397 25.45 -2.82 6.68
C VAL B 397 24.62 -4.04 6.23
N TYR B 398 25.24 -4.97 5.50
CA TYR B 398 24.64 -6.22 5.01
C TYR B 398 25.14 -7.33 5.89
N ILE B 399 24.24 -7.98 6.59
CA ILE B 399 24.53 -9.09 7.49
C ILE B 399 23.94 -10.38 6.90
N GLY B 400 24.70 -11.45 6.93
CA GLY B 400 24.27 -12.71 6.39
C GLY B 400 25.39 -13.70 6.31
N ASP B 401 25.22 -14.71 5.47
CA ASP B 401 26.22 -15.75 5.31
C ASP B 401 26.03 -16.34 3.93
N PRO B 402 26.96 -16.08 2.94
CA PRO B 402 26.83 -16.75 1.63
C PRO B 402 27.01 -18.28 1.70
N ALA B 403 27.29 -18.84 2.87
CA ALA B 403 27.38 -20.28 3.09
C ALA B 403 26.05 -20.90 3.54
N GLN B 404 24.98 -20.10 3.62
CA GLN B 404 23.65 -20.54 3.96
C GLN B 404 22.74 -20.47 2.72
N LEU B 405 21.47 -20.79 2.91
CA LEU B 405 20.53 -20.89 1.81
C LEU B 405 20.14 -19.54 1.17
N PRO B 406 20.11 -19.54 -0.18
CA PRO B 406 19.66 -18.35 -0.90
C PRO B 406 18.13 -18.33 -1.08
N ALA B 407 17.61 -17.27 -1.73
CA ALA B 407 16.18 -17.17 -2.03
C ALA B 407 15.83 -18.30 -3.01
N PRO B 408 14.71 -18.99 -2.77
CA PRO B 408 14.33 -20.07 -3.68
C PRO B 408 14.11 -19.53 -5.10
N ARG B 409 14.88 -20.05 -6.09
CA ARG B 409 14.71 -19.58 -7.45
C ARG B 409 13.80 -20.60 -8.15
N THR B 410 12.47 -20.42 -8.02
CA THR B 410 11.45 -21.32 -8.56
C THR B 410 11.70 -21.77 -10.00
N LEU B 411 12.04 -20.83 -10.90
CA LEU B 411 12.24 -21.17 -12.31
C LEU B 411 13.46 -22.02 -12.58
N LEU B 412 14.52 -21.89 -11.76
CA LEU B 412 15.79 -22.62 -11.92
C LEU B 412 15.68 -24.13 -11.66
N THR B 413 15.95 -24.93 -12.72
CA THR B 413 15.89 -26.40 -12.64
C THR B 413 17.16 -27.10 -13.18
N LYS B 414 17.99 -26.39 -13.95
CA LYS B 414 19.19 -26.96 -14.53
C LYS B 414 20.42 -26.23 -14.05
N GLY B 415 21.29 -26.91 -13.34
CA GLY B 415 22.51 -26.30 -12.82
C GLY B 415 22.30 -25.84 -11.40
N THR B 416 23.39 -25.76 -10.63
CA THR B 416 23.34 -25.32 -9.24
C THR B 416 23.82 -23.88 -9.11
N LEU B 417 23.05 -23.03 -8.42
CA LEU B 417 23.45 -21.63 -8.23
C LEU B 417 24.52 -21.48 -7.11
N GLU B 418 25.76 -21.16 -7.49
CA GLU B 418 26.86 -20.98 -6.52
C GLU B 418 26.71 -19.67 -5.69
N PRO B 419 27.23 -19.66 -4.43
CA PRO B 419 27.07 -18.49 -3.54
C PRO B 419 27.56 -17.16 -4.07
N GLU B 420 28.64 -17.15 -4.88
CA GLU B 420 29.10 -15.90 -5.48
C GLU B 420 28.04 -15.28 -6.46
N TYR B 421 26.97 -16.00 -6.76
CA TYR B 421 25.95 -15.52 -7.67
C TYR B 421 24.57 -15.31 -7.01
N PHE B 422 24.47 -15.41 -5.64
CA PHE B 422 23.18 -15.22 -4.94
C PHE B 422 22.66 -13.79 -5.15
N ASN B 423 23.52 -12.83 -4.91
CA ASN B 423 23.27 -11.42 -5.13
C ASN B 423 24.63 -10.71 -5.23
N SER B 424 24.61 -9.37 -5.44
CA SER B 424 25.80 -8.57 -5.53
C SER B 424 26.58 -8.53 -4.20
N VAL B 425 25.88 -8.62 -3.04
CA VAL B 425 26.58 -8.62 -1.74
C VAL B 425 27.31 -9.95 -1.55
N CYS B 426 26.61 -11.07 -1.84
CA CYS B 426 27.22 -12.40 -1.75
C CYS B 426 28.40 -12.51 -2.70
N ARG B 427 28.24 -11.96 -3.91
CA ARG B 427 29.29 -11.90 -4.94
C ARG B 427 30.60 -11.32 -4.38
N LEU B 428 30.50 -10.21 -3.61
CA LEU B 428 31.65 -9.59 -2.94
C LEU B 428 32.27 -10.50 -1.88
N MET B 429 31.47 -10.96 -0.92
CA MET B 429 31.90 -11.83 0.16
C MET B 429 32.65 -13.07 -0.31
N LYS B 430 32.31 -13.56 -1.50
CA LYS B 430 32.94 -14.74 -2.04
C LYS B 430 34.20 -14.44 -2.90
N THR B 431 34.27 -13.24 -3.52
CA THR B 431 35.46 -12.90 -4.33
C THR B 431 36.49 -12.07 -3.50
N ILE B 432 36.15 -10.85 -3.08
CA ILE B 432 37.03 -9.97 -2.28
C ILE B 432 37.05 -10.27 -0.80
N GLY B 433 36.09 -11.06 -0.32
CA GLY B 433 35.95 -11.40 1.09
C GLY B 433 35.02 -10.46 1.83
N PRO B 434 34.46 -10.92 2.97
CA PRO B 434 33.59 -10.03 3.75
C PRO B 434 34.43 -9.04 4.57
N ASP B 435 33.87 -7.84 4.80
CA ASP B 435 34.58 -6.82 5.59
C ASP B 435 34.77 -7.31 7.02
N MET B 436 33.73 -7.90 7.57
CA MET B 436 33.74 -8.40 8.92
C MET B 436 33.23 -9.83 8.96
N PHE B 437 33.69 -10.58 9.95
CA PHE B 437 33.34 -11.96 10.12
C PHE B 437 33.19 -12.30 11.62
N LEU B 438 32.06 -12.95 12.01
CA LEU B 438 31.84 -13.41 13.38
C LEU B 438 32.40 -14.84 13.44
N GLY B 439 33.59 -14.98 14.02
CA GLY B 439 34.33 -16.23 14.01
C GLY B 439 34.04 -17.22 15.10
N THR B 440 33.17 -16.88 16.07
CA THR B 440 32.92 -17.85 17.15
C THR B 440 31.49 -18.34 17.21
N CYS B 441 31.33 -19.63 16.95
CA CYS B 441 30.03 -20.26 17.02
C CYS B 441 29.73 -20.66 18.45
N ARG B 442 28.68 -20.07 19.02
CA ARG B 442 28.29 -20.38 20.39
C ARG B 442 27.12 -21.39 20.50
N ARG B 443 26.60 -21.85 19.37
CA ARG B 443 25.49 -22.77 19.38
C ARG B 443 25.89 -24.25 19.40
N CYS B 444 26.75 -24.64 18.49
CA CYS B 444 26.96 -26.03 18.18
C CYS B 444 28.07 -26.72 18.90
N PRO B 445 27.89 -28.07 19.12
CA PRO B 445 29.00 -28.89 19.64
C PRO B 445 30.21 -28.79 18.69
N ALA B 446 31.44 -28.85 19.22
CA ALA B 446 32.63 -28.75 18.40
C ALA B 446 32.65 -29.70 17.17
N GLU B 447 32.04 -30.90 17.21
CA GLU B 447 32.00 -31.80 16.03
C GLU B 447 31.31 -31.12 14.83
N ILE B 448 30.21 -30.41 15.08
CA ILE B 448 29.47 -29.66 14.07
C ILE B 448 30.19 -28.41 13.64
N VAL B 449 30.78 -27.64 14.59
CA VAL B 449 31.51 -26.43 14.23
C VAL B 449 32.75 -26.75 13.37
N ASP B 450 33.48 -27.81 13.74
CA ASP B 450 34.70 -28.22 13.03
C ASP B 450 34.37 -28.72 11.61
N THR B 451 33.23 -29.45 11.46
CA THR B 451 32.75 -29.98 10.19
C THR B 451 32.48 -28.87 9.18
N VAL B 452 31.67 -27.84 9.58
CA VAL B 452 31.26 -26.76 8.69
C VAL B 452 32.37 -25.73 8.52
N SER B 453 33.26 -25.57 9.52
CA SER B 453 34.43 -24.69 9.43
C SER B 453 35.29 -25.13 8.23
N ALA B 454 35.56 -26.46 8.09
CA ALA B 454 36.36 -27.03 6.98
C ALA B 454 35.55 -27.06 5.68
N LEU B 455 34.25 -27.40 5.76
CA LEU B 455 33.33 -27.51 4.64
C LEU B 455 33.02 -26.19 3.92
N VAL B 456 32.68 -25.11 4.65
CA VAL B 456 32.25 -23.87 4.01
C VAL B 456 33.00 -22.55 4.46
N TYR B 457 33.79 -22.55 5.57
CA TYR B 457 34.40 -21.31 6.09
C TYR B 457 35.91 -21.24 6.04
N ASP B 458 36.59 -22.14 5.29
CA ASP B 458 38.06 -22.18 5.17
C ASP B 458 38.78 -22.26 6.52
N ASN B 459 38.25 -23.06 7.45
CA ASN B 459 38.81 -23.32 8.78
C ASN B 459 38.95 -22.09 9.66
N LYS B 460 38.05 -21.12 9.45
CA LYS B 460 38.09 -19.91 10.25
C LYS B 460 36.94 -19.82 11.26
N LEU B 461 36.02 -20.83 11.29
CA LEU B 461 34.93 -20.81 12.28
C LEU B 461 35.40 -21.59 13.50
N LYS B 462 35.37 -20.95 14.67
CA LYS B 462 35.85 -21.55 15.92
C LYS B 462 34.72 -22.04 16.85
N ALA B 463 34.99 -23.11 17.60
CA ALA B 463 33.99 -23.66 18.50
C ALA B 463 34.11 -23.06 19.90
N HIS B 464 32.98 -22.53 20.44
CA HIS B 464 32.90 -22.01 21.80
C HIS B 464 32.57 -23.22 22.70
N LYS B 465 31.56 -24.01 22.32
CA LYS B 465 31.23 -25.22 23.06
C LYS B 465 32.34 -26.29 22.84
N ASP B 466 32.38 -27.26 23.73
CA ASP B 466 33.24 -28.41 23.58
C ASP B 466 32.47 -29.42 22.67
N LYS B 467 33.11 -30.56 22.34
CA LYS B 467 32.46 -31.64 21.66
C LYS B 467 31.40 -32.21 22.60
N SER B 468 30.20 -32.41 22.10
CA SER B 468 29.12 -32.93 22.92
C SER B 468 29.17 -34.45 23.11
N ALA B 469 29.93 -35.15 22.21
CA ALA B 469 30.04 -36.61 22.03
C ALA B 469 28.69 -37.23 21.67
N GLN B 470 27.77 -36.42 21.11
CA GLN B 470 26.43 -36.82 20.72
C GLN B 470 26.14 -36.50 19.27
N CYS B 471 27.17 -36.54 18.42
CA CYS B 471 27.06 -36.25 17.01
C CYS B 471 27.42 -37.51 16.27
N PHE B 472 26.42 -38.16 15.67
CA PHE B 472 26.55 -39.45 15.00
C PHE B 472 26.28 -39.38 13.54
N LYS B 473 26.91 -40.30 12.80
CA LYS B 473 26.72 -40.41 11.36
C LYS B 473 26.63 -41.88 10.96
N MET B 474 25.73 -42.19 10.03
N MET B 474 25.72 -42.19 10.02
CA MET B 474 25.58 -43.55 9.51
CA MET B 474 25.51 -43.53 9.51
C MET B 474 25.49 -43.46 8.00
C MET B 474 25.48 -43.45 7.99
N PHE B 475 26.21 -44.35 7.31
CA PHE B 475 26.17 -44.39 5.87
C PHE B 475 25.13 -45.47 5.50
N TYR B 476 23.94 -45.03 5.09
CA TYR B 476 22.85 -45.94 4.76
C TYR B 476 22.08 -45.37 3.57
N LYS B 477 22.24 -45.95 2.36
CA LYS B 477 21.57 -45.42 1.19
C LYS B 477 20.03 -45.77 1.12
N GLY B 478 19.61 -46.86 1.76
CA GLY B 478 18.20 -47.26 1.84
C GLY B 478 17.50 -47.54 0.54
N VAL B 479 16.26 -47.05 0.39
CA VAL B 479 15.37 -47.21 -0.76
C VAL B 479 14.76 -45.86 -1.09
N ILE B 480 15.10 -45.31 -2.26
CA ILE B 480 14.52 -44.05 -2.68
C ILE B 480 13.20 -44.29 -3.47
N THR B 481 12.11 -43.70 -2.98
CA THR B 481 10.84 -43.69 -3.64
C THR B 481 10.49 -42.24 -3.97
N HIS B 482 9.72 -42.02 -5.04
CA HIS B 482 9.37 -40.68 -5.45
C HIS B 482 7.91 -40.47 -5.58
N ASP B 483 7.47 -39.28 -5.23
CA ASP B 483 6.14 -38.83 -5.57
C ASP B 483 6.37 -37.76 -6.70
N VAL B 484 5.43 -36.83 -6.92
CA VAL B 484 5.57 -35.87 -8.00
C VAL B 484 6.75 -34.87 -7.76
N SER B 485 6.72 -34.07 -6.68
CA SER B 485 7.75 -33.05 -6.45
C SER B 485 8.83 -33.39 -5.37
N SER B 486 8.74 -34.56 -4.73
CA SER B 486 9.65 -34.89 -3.63
C SER B 486 10.16 -36.38 -3.69
N ALA B 487 11.09 -36.74 -2.77
CA ALA B 487 11.64 -38.06 -2.53
C ALA B 487 11.33 -38.52 -1.07
N ILE B 488 11.30 -39.84 -0.90
CA ILE B 488 11.07 -40.52 0.37
C ILE B 488 12.12 -41.64 0.44
N ASN B 489 12.62 -41.88 1.65
CA ASN B 489 13.54 -42.97 1.96
C ASN B 489 13.03 -43.56 3.27
N ARG B 490 12.10 -44.54 3.14
CA ARG B 490 11.51 -45.26 4.28
C ARG B 490 12.56 -46.05 5.08
N PRO B 491 13.51 -46.78 4.47
CA PRO B 491 14.56 -47.43 5.27
C PRO B 491 15.39 -46.45 6.13
N GLN B 492 15.58 -45.16 5.70
CA GLN B 492 16.30 -44.18 6.54
C GLN B 492 15.43 -43.76 7.74
N ILE B 493 14.11 -43.61 7.55
CA ILE B 493 13.20 -43.31 8.66
C ILE B 493 13.15 -44.52 9.63
N GLY B 494 13.17 -45.73 9.08
CA GLY B 494 13.23 -46.97 9.83
C GLY B 494 14.50 -47.08 10.68
N VAL B 495 15.63 -46.68 10.13
CA VAL B 495 16.90 -46.66 10.85
C VAL B 495 16.80 -45.70 12.06
N VAL B 496 16.16 -44.51 11.85
CA VAL B 496 15.92 -43.51 12.91
C VAL B 496 15.04 -44.12 13.99
N ARG B 497 13.97 -44.82 13.59
CA ARG B 497 13.07 -45.50 14.52
C ARG B 497 13.83 -46.50 15.44
N GLU B 498 14.66 -47.42 14.88
CA GLU B 498 15.46 -48.35 15.68
C GLU B 498 16.40 -47.59 16.60
N PHE B 499 16.98 -46.47 16.13
CA PHE B 499 17.86 -45.65 16.94
C PHE B 499 17.09 -45.02 18.14
N LEU B 500 15.84 -44.56 17.93
CA LEU B 500 15.03 -43.93 18.96
C LEU B 500 14.59 -44.92 20.03
N THR B 501 14.43 -46.22 19.69
CA THR B 501 14.09 -47.21 20.70
C THR B 501 15.27 -47.36 21.67
N ARG B 502 16.51 -47.41 21.14
CA ARG B 502 17.75 -47.51 21.93
C ARG B 502 18.22 -46.19 22.61
N ASN B 503 17.78 -45.02 22.11
CA ASN B 503 18.16 -43.67 22.58
C ASN B 503 16.91 -42.78 22.83
N PRO B 504 16.06 -43.13 23.84
CA PRO B 504 14.84 -42.34 24.08
C PRO B 504 15.08 -40.87 24.45
N ALA B 505 16.30 -40.48 24.87
CA ALA B 505 16.59 -39.04 25.09
C ALA B 505 16.44 -38.26 23.77
N TRP B 506 16.57 -38.95 22.62
CA TRP B 506 16.42 -38.33 21.33
C TRP B 506 14.96 -38.15 20.89
N ARG B 507 14.01 -38.42 21.75
CA ARG B 507 12.61 -38.23 21.40
C ARG B 507 12.20 -36.73 21.45
N LYS B 508 13.08 -35.83 21.98
CA LYS B 508 12.89 -34.37 21.90
C LYS B 508 13.47 -33.78 20.57
N ALA B 509 14.12 -34.63 19.73
CA ALA B 509 14.72 -34.19 18.48
C ALA B 509 13.70 -33.70 17.44
N VAL B 510 14.20 -32.85 16.54
CA VAL B 510 13.52 -32.34 15.37
C VAL B 510 14.02 -33.18 14.24
N PHE B 511 13.11 -33.67 13.40
CA PHE B 511 13.51 -34.40 12.23
C PHE B 511 13.67 -33.43 11.05
N ILE B 512 14.88 -33.33 10.51
CA ILE B 512 15.15 -32.50 9.34
C ILE B 512 15.53 -33.41 8.14
N SER B 513 15.15 -32.98 6.93
CA SER B 513 15.47 -33.62 5.65
C SER B 513 15.30 -32.60 4.54
N PRO B 514 15.95 -32.84 3.38
CA PRO B 514 15.79 -31.91 2.24
C PRO B 514 14.43 -31.98 1.53
N TYR B 515 13.58 -33.00 1.84
CA TYR B 515 12.29 -33.24 1.17
C TYR B 515 11.10 -33.19 2.11
N ASN B 516 9.99 -32.54 1.69
CA ASN B 516 8.77 -32.47 2.49
C ASN B 516 8.05 -33.83 2.55
N SER B 517 8.16 -34.66 1.48
CA SER B 517 7.55 -36.01 1.50
C SER B 517 8.23 -36.94 2.49
N GLN B 518 9.57 -36.78 2.65
CA GLN B 518 10.30 -37.55 3.62
C GLN B 518 9.83 -37.13 5.07
N ASN B 519 9.70 -35.80 5.30
CA ASN B 519 9.25 -35.18 6.54
C ASN B 519 7.82 -35.65 6.95
N ALA B 520 6.96 -35.83 5.96
CA ALA B 520 5.58 -36.27 6.20
C ALA B 520 5.49 -37.75 6.67
N VAL B 521 6.31 -38.61 6.02
CA VAL B 521 6.41 -40.02 6.36
C VAL B 521 7.03 -40.12 7.76
N ALA B 522 8.09 -39.33 8.04
CA ALA B 522 8.76 -39.31 9.33
C ALA B 522 7.89 -38.73 10.44
N SER B 523 6.95 -37.82 10.12
CA SER B 523 6.08 -37.23 11.12
C SER B 523 5.10 -38.27 11.64
N LYS B 524 4.57 -39.09 10.72
CA LYS B 524 3.63 -40.14 11.09
C LYS B 524 4.36 -41.35 11.77
N ILE B 525 5.50 -41.83 11.21
CA ILE B 525 6.26 -42.98 11.76
C ILE B 525 7.00 -42.66 13.05
N LEU B 526 7.80 -41.58 13.06
CA LEU B 526 8.60 -41.24 14.24
C LEU B 526 7.84 -40.40 15.26
N GLY B 527 6.94 -39.54 14.78
CA GLY B 527 6.18 -38.68 15.66
C GLY B 527 6.94 -37.45 16.11
N LEU B 528 8.15 -37.22 15.56
CA LEU B 528 8.99 -36.06 15.84
C LEU B 528 8.49 -34.86 15.04
N PRO B 529 8.66 -33.61 15.57
CA PRO B 529 8.36 -32.43 14.74
C PRO B 529 9.32 -32.41 13.56
N THR B 530 8.87 -31.87 12.43
CA THR B 530 9.70 -31.86 11.22
C THR B 530 9.89 -30.45 10.66
N GLN B 531 11.01 -30.29 9.92
CA GLN B 531 11.45 -29.09 9.20
C GLN B 531 12.17 -29.55 7.96
N THR B 532 11.99 -28.85 6.85
CA THR B 532 12.84 -29.06 5.68
C THR B 532 14.12 -28.27 6.05
N VAL B 533 15.23 -28.50 5.32
CA VAL B 533 16.46 -27.74 5.65
C VAL B 533 16.24 -26.23 5.51
N ASP B 534 15.55 -25.86 4.44
CA ASP B 534 15.24 -24.51 4.10
C ASP B 534 14.38 -23.80 5.15
N SER B 535 13.43 -24.50 5.75
CA SER B 535 12.61 -23.89 6.81
C SER B 535 13.30 -23.91 8.16
N SER B 536 14.32 -24.79 8.33
CA SER B 536 15.09 -24.88 9.59
C SER B 536 16.02 -23.65 9.76
N GLN B 537 16.41 -22.97 8.63
CA GLN B 537 17.30 -21.78 8.63
C GLN B 537 16.84 -20.71 9.62
N GLY B 538 17.77 -20.27 10.46
CA GLY B 538 17.48 -19.29 11.50
C GLY B 538 17.06 -19.89 12.82
N SER B 539 16.63 -21.17 12.84
CA SER B 539 16.18 -21.88 14.05
C SER B 539 17.25 -22.78 14.68
N GLU B 540 17.12 -23.03 15.99
CA GLU B 540 18.02 -23.95 16.71
C GLU B 540 17.22 -24.87 17.60
N TYR B 541 17.70 -26.12 17.76
CA TYR B 541 17.06 -27.16 18.57
C TYR B 541 18.17 -27.96 19.30
N ASP B 542 17.90 -28.52 20.50
CA ASP B 542 18.93 -29.31 21.21
C ASP B 542 19.39 -30.50 20.36
N TYR B 543 18.43 -31.29 19.84
CA TYR B 543 18.72 -32.46 19.06
C TYR B 543 18.11 -32.41 17.71
N VAL B 544 18.89 -32.78 16.73
CA VAL B 544 18.45 -32.78 15.35
C VAL B 544 18.67 -34.17 14.75
N ILE B 545 17.69 -34.68 14.02
CA ILE B 545 17.85 -35.94 13.29
C ILE B 545 17.66 -35.65 11.82
N PHE B 546 18.75 -35.74 11.07
CA PHE B 546 18.77 -35.48 9.65
C PHE B 546 18.91 -36.76 8.81
N THR B 547 17.93 -37.02 7.90
CA THR B 547 18.08 -38.11 6.90
C THR B 547 18.26 -37.44 5.54
N GLN B 548 19.40 -37.72 4.86
CA GLN B 548 19.73 -37.14 3.58
C GLN B 548 18.76 -37.47 2.45
N THR B 549 18.01 -38.59 2.60
CA THR B 549 16.97 -39.14 1.69
C THR B 549 17.52 -39.66 0.31
N THR B 550 18.28 -38.83 -0.44
CA THR B 550 18.83 -39.15 -1.77
C THR B 550 20.31 -38.59 -1.87
N GLU B 551 20.98 -38.81 -3.01
CA GLU B 551 22.32 -38.31 -3.29
C GLU B 551 22.16 -37.35 -4.50
N THR B 552 21.17 -36.45 -4.48
CA THR B 552 20.91 -35.50 -5.58
C THR B 552 21.74 -34.23 -5.39
N ALA B 553 21.80 -33.32 -6.37
CA ALA B 553 22.50 -32.04 -6.19
C ALA B 553 21.82 -31.20 -5.08
N HIS B 554 20.46 -31.36 -4.92
CA HIS B 554 19.63 -30.68 -3.93
C HIS B 554 20.06 -31.12 -2.56
N SER B 555 20.10 -32.45 -2.32
CA SER B 555 20.44 -32.97 -1.00
C SER B 555 21.92 -32.91 -0.67
N CYS B 556 22.78 -32.84 -1.71
CA CYS B 556 24.22 -32.74 -1.49
C CYS B 556 24.74 -31.32 -1.46
N ASN B 557 23.87 -30.32 -1.63
CA ASN B 557 24.27 -28.92 -1.63
C ASN B 557 24.92 -28.55 -0.31
N VAL B 558 26.15 -28.03 -0.37
CA VAL B 558 26.90 -27.70 0.83
C VAL B 558 26.23 -26.62 1.66
N ASN B 559 25.59 -25.61 1.05
CA ASN B 559 24.90 -24.58 1.84
C ASN B 559 23.74 -25.15 2.64
N ARG B 560 23.01 -26.11 2.04
CA ARG B 560 21.91 -26.86 2.62
C ARG B 560 22.46 -27.79 3.71
N PHE B 561 23.56 -28.48 3.42
CA PHE B 561 24.19 -29.37 4.39
C PHE B 561 24.64 -28.62 5.63
N ASN B 562 25.26 -27.47 5.41
CA ASN B 562 25.74 -26.56 6.45
C ASN B 562 24.57 -26.14 7.35
N VAL B 563 23.45 -25.65 6.77
CA VAL B 563 22.29 -25.23 7.55
C VAL B 563 21.73 -26.41 8.33
N ALA B 564 21.55 -27.56 7.67
CA ALA B 564 21.02 -28.77 8.31
C ALA B 564 21.72 -29.15 9.59
N ILE B 565 23.06 -29.29 9.59
CA ILE B 565 23.75 -29.78 10.76
C ILE B 565 23.99 -28.69 11.81
N THR B 566 23.98 -27.38 11.41
CA THR B 566 24.19 -26.25 12.35
C THR B 566 22.88 -25.80 13.07
N ARG B 567 21.85 -26.65 13.11
CA ARG B 567 20.61 -26.34 13.84
C ARG B 567 20.73 -26.85 15.29
N ALA B 568 21.50 -27.96 15.49
CA ALA B 568 21.75 -28.67 16.76
C ALA B 568 22.58 -27.87 17.75
N LYS B 569 22.10 -27.83 18.98
CA LYS B 569 22.83 -27.19 20.06
C LYS B 569 23.59 -28.28 20.85
N VAL B 570 22.99 -29.47 21.00
CA VAL B 570 23.55 -30.56 21.79
C VAL B 570 24.08 -31.77 20.97
N GLY B 571 23.23 -32.39 20.16
CA GLY B 571 23.62 -33.57 19.40
C GLY B 571 22.87 -33.67 18.09
N ILE B 572 23.45 -34.42 17.15
CA ILE B 572 22.84 -34.62 15.86
C ILE B 572 23.09 -36.04 15.39
N LEU B 573 22.12 -36.58 14.67
CA LEU B 573 22.22 -37.87 14.06
C LEU B 573 22.02 -37.64 12.56
N CYS B 574 23.00 -38.02 11.76
CA CYS B 574 22.93 -37.88 10.31
C CYS B 574 22.89 -39.23 9.63
N ILE B 575 21.77 -39.56 8.92
CA ILE B 575 21.68 -40.78 8.12
C ILE B 575 21.98 -40.28 6.72
N MET B 576 23.19 -40.59 6.21
CA MET B 576 23.76 -40.13 4.95
C MET B 576 23.63 -41.10 3.77
N SER B 577 23.45 -40.53 2.57
CA SER B 577 23.39 -41.24 1.29
C SER B 577 24.64 -40.99 0.48
N ASP B 578 25.26 -39.79 0.61
CA ASP B 578 26.46 -39.38 -0.12
C ASP B 578 27.70 -39.63 0.72
N ARG B 579 28.61 -40.45 0.19
CA ARG B 579 29.88 -40.83 0.78
C ARG B 579 30.78 -39.61 1.04
N ASP B 580 30.76 -38.62 0.13
CA ASP B 580 31.53 -37.38 0.21
C ASP B 580 31.19 -36.65 1.52
N LEU B 581 29.92 -36.24 1.69
CA LEU B 581 29.52 -35.52 2.89
C LEU B 581 29.60 -36.40 4.12
N TYR B 582 29.35 -37.74 3.98
CA TYR B 582 29.45 -38.66 5.11
C TYR B 582 30.89 -38.64 5.68
N ASP B 583 31.91 -38.71 4.78
CA ASP B 583 33.33 -38.72 5.16
C ASP B 583 33.79 -37.36 5.72
N LYS B 584 33.16 -36.26 5.25
CA LYS B 584 33.38 -34.86 5.68
C LYS B 584 32.75 -34.53 7.05
N LEU B 585 31.82 -35.39 7.55
CA LEU B 585 31.24 -35.23 8.88
C LEU B 585 32.19 -35.75 9.99
N GLN B 586 32.64 -34.83 10.89
CA GLN B 586 33.53 -35.15 12.00
C GLN B 586 32.71 -35.58 13.21
N PHE B 587 31.98 -36.68 13.02
CA PHE B 587 31.01 -37.31 13.91
C PHE B 587 31.40 -38.76 14.13
N THR B 588 30.87 -39.36 15.21
CA THR B 588 31.11 -40.75 15.57
C THR B 588 30.30 -41.59 14.63
N SER B 589 30.96 -42.52 13.91
CA SER B 589 30.25 -43.39 12.99
C SER B 589 29.54 -44.52 13.70
N LEU B 590 28.38 -44.88 13.18
CA LEU B 590 27.52 -45.92 13.72
C LEU B 590 27.36 -47.08 12.74
N GLU B 591 27.00 -48.27 13.27
CA GLU B 591 26.76 -49.47 12.48
C GLU B 591 25.28 -49.54 12.01
N ILE B 592 25.03 -50.30 10.92
CA ILE B 592 23.71 -50.53 10.34
C ILE B 592 23.19 -51.90 10.77
N PRO B 593 21.95 -51.97 11.28
CA PRO B 593 21.43 -53.27 11.75
C PRO B 593 20.92 -54.23 10.66
#